data_6MVT
#
_entry.id   6MVT
#
_cell.length_a   79.719
_cell.length_b   159.109
_cell.length_c   62.664
_cell.angle_alpha   90.000
_cell.angle_beta   90.000
_cell.angle_gamma   90.000
#
_symmetry.space_group_name_H-M   'P 21 21 2'
#
loop_
_entity.id
_entity.type
_entity.pdbx_description
1 polymer 'Aldehyde dehydrogenase'
2 non-polymer '1,4-DIHYDRONICOTINAMIDE ADENINE DINUCLEOTIDE'
3 non-polymer 'SODIUM ION'
4 water water
#
_entity_poly.entity_id   1
_entity_poly.type   'polypeptide(L)'
_entity_poly.pdbx_seq_one_letter_code
;SMTVKEIFETMDYGPAPESAKEAYAWLAEKGDFGHFIGGAWTAPGDLFATVNPATGQTLAQVSQATQADVDAAVKAARKA
QPAWAKDGAARARVLYALARLLQKHARLFAVLETLDNGKPIREARDIDVPLAQRHFYHHAGYAQLMGTEMPDRAPLGVCG
QVIPWNFPLLMLAWKIAPALAMGNTVVLKPAEWTPLTALLFADICGQAGVPAGVVNIVTGDGAVGEMIVTAQVDKVAFTG
STAVGRRIREATAGTGKALSLELGGKGPYVVCDDADIDSAVEGLVDAIWFNQGQVCCAGSRLLVQEGIADVFHAKLRARM
DSLRIGDPLDKCIDIGAMVHPDQLARVRDMVAANTDGEVYQTAVPAGCYYPPTLISGLAPASPLMQQEIFGPVLVSTTFR
TPAEAVEIANNTAYGLAASVWSENVNLALDLAPKLVAGIVWINGTNMMDAAAPFGGVRESGFGREGGWEGLAGYTRPAIA
TKSPAAVAAYTGDGAADGLDRTAKLYIGGKQTRPDGGYSRAVYGPKGKLLGHASLSNRKDLRNAVEAMNAASGWSRTTGH
LRAQILYFIGENLSARADEFANRIKDMTGKDGKAEVAASIDRLFSAAAWADKYDGQVKGVPLRGVALAMKEPVGKIGILC
PDAAPLLGLVSLMAPAIAMGNRVTLAASEAFPLAATDFYQVLDTSDVPAGVVNILTGAHADLAEPMARHLDLDAVWGLSG
HAQVIEAASAGNLKRSWTGPFDPAHDHTRDILSHATEVKTIWVPYGA
;
_entity_poly.pdbx_strand_id   A
#
# COMPACT_ATOMS: atom_id res chain seq x y z
N ALA A 16 16.90 34.72 19.15
CA ALA A 16 15.88 34.51 20.17
C ALA A 16 14.87 33.46 19.72
N PRO A 17 14.84 32.33 20.43
CA PRO A 17 13.94 31.23 20.05
C PRO A 17 12.48 31.58 20.34
N GLU A 18 11.59 30.75 19.77
CA GLU A 18 10.16 31.00 19.90
C GLU A 18 9.64 30.66 21.30
N SER A 19 8.61 31.39 21.72
CA SER A 19 8.01 31.18 23.03
C SER A 19 7.09 29.96 23.00
N ALA A 20 7.18 29.15 24.07
CA ALA A 20 6.30 28.02 24.30
C ALA A 20 5.29 28.28 25.42
N LYS A 21 5.11 29.55 25.79
CA LYS A 21 4.21 29.90 26.89
C LYS A 21 2.80 29.38 26.64
N GLU A 22 2.29 29.57 25.42
CA GLU A 22 0.93 29.14 25.13
C GLU A 22 0.80 27.62 25.23
N ALA A 23 1.80 26.89 24.71
CA ALA A 23 1.74 25.43 24.73
C ALA A 23 1.88 24.90 26.16
N TYR A 24 2.83 25.43 26.93
CA TYR A 24 2.94 25.07 28.34
C TYR A 24 1.66 25.36 29.09
N ALA A 25 0.96 26.42 28.68
CA ALA A 25 -0.29 26.79 29.34
C ALA A 25 -1.37 25.76 29.04
N TRP A 26 -1.51 25.37 27.78
CA TRP A 26 -2.45 24.32 27.43
C TRP A 26 -2.10 23.02 28.17
N LEU A 27 -0.82 22.65 28.21
CA LEU A 27 -0.42 21.45 28.94
C LEU A 27 -0.80 21.55 30.41
N ALA A 28 -0.61 22.73 31.01
CA ALA A 28 -0.98 22.89 32.43
C ALA A 28 -2.48 22.77 32.61
N GLU A 29 -3.26 23.28 31.65
CA GLU A 29 -4.73 23.22 31.74
C GLU A 29 -5.23 21.78 31.70
N LYS A 30 -4.66 20.96 30.80
CA LYS A 30 -5.15 19.61 30.59
C LYS A 30 -4.70 18.63 31.67
N GLY A 31 -3.65 18.95 32.44
CA GLY A 31 -3.22 18.10 33.53
C GLY A 31 -2.71 16.76 33.04
N ASP A 32 -2.78 15.76 33.91
CA ASP A 32 -2.59 14.39 33.48
C ASP A 32 -3.72 14.04 32.51
N PHE A 33 -3.39 13.29 31.45
CA PHE A 33 -4.31 12.98 30.36
C PHE A 33 -4.97 11.61 30.52
N GLY A 34 -6.27 11.57 30.29
CA GLY A 34 -6.98 10.35 29.94
C GLY A 34 -7.11 10.23 28.44
N HIS A 35 -8.16 9.56 27.99
CA HIS A 35 -8.37 9.40 26.56
C HIS A 35 -9.56 10.25 26.11
N PHE A 36 -9.65 10.43 24.80
CA PHE A 36 -10.78 11.12 24.17
C PHE A 36 -11.69 10.06 23.60
N ILE A 37 -12.78 9.77 24.31
CA ILE A 37 -13.68 8.68 23.99
C ILE A 37 -15.12 9.20 24.06
N GLY A 38 -15.91 8.91 23.03
CA GLY A 38 -17.32 9.28 23.03
C GLY A 38 -17.57 10.77 23.17
N GLY A 39 -16.65 11.59 22.67
CA GLY A 39 -16.81 13.03 22.76
C GLY A 39 -16.33 13.66 24.06
N ALA A 40 -15.71 12.91 24.97
CA ALA A 40 -15.32 13.49 26.26
C ALA A 40 -14.02 12.86 26.76
N TRP A 41 -13.37 13.56 27.69
CA TRP A 41 -12.11 13.11 28.25
C TRP A 41 -12.34 12.16 29.42
N THR A 42 -11.71 10.99 29.36
CA THR A 42 -11.82 10.08 30.50
C THR A 42 -10.80 10.41 31.58
N ALA A 43 -11.06 9.90 32.77
CA ALA A 43 -10.15 10.10 33.89
C ALA A 43 -8.76 9.56 33.55
N PRO A 44 -7.69 10.22 34.00
CA PRO A 44 -6.34 9.67 33.77
C PRO A 44 -6.17 8.31 34.41
N GLY A 45 -5.46 7.43 33.73
CA GLY A 45 -5.33 6.07 34.21
C GLY A 45 -3.94 5.72 34.70
N ASP A 46 -3.33 4.73 34.06
CA ASP A 46 -2.00 4.27 34.41
C ASP A 46 -1.01 5.11 33.61
N LEU A 47 -0.29 6.00 34.29
CA LEU A 47 0.39 7.11 33.64
C LEU A 47 1.81 6.76 33.23
N PHE A 48 2.24 7.31 32.09
CA PHE A 48 3.64 7.33 31.71
C PHE A 48 3.94 8.68 31.08
N ALA A 49 5.20 9.11 31.19
CA ALA A 49 5.60 10.45 30.77
C ALA A 49 5.84 10.55 29.27
N THR A 50 5.49 11.68 28.69
CA THR A 50 6.09 12.12 27.43
C THR A 50 7.07 13.24 27.76
N VAL A 51 8.24 13.19 27.13
CA VAL A 51 9.41 13.97 27.54
C VAL A 51 9.89 14.80 26.36
N ASN A 52 10.23 16.05 26.64
CA ASN A 52 10.82 16.90 25.61
C ASN A 52 12.23 16.41 25.33
N PRO A 53 12.50 15.85 24.14
CA PRO A 53 13.83 15.27 23.90
C PRO A 53 14.93 16.31 23.84
N ALA A 54 14.60 17.58 23.67
CA ALA A 54 15.65 18.59 23.64
C ALA A 54 16.05 19.07 25.04
N THR A 55 15.12 19.11 25.98
CA THR A 55 15.41 19.61 27.33
C THR A 55 15.52 18.50 28.36
N GLY A 56 15.03 17.30 28.05
CA GLY A 56 14.95 16.23 29.02
C GLY A 56 13.84 16.36 30.03
N GLN A 57 12.98 17.37 29.88
CA GLN A 57 11.93 17.62 30.86
C GLN A 57 10.64 16.90 30.48
N THR A 58 9.94 16.40 31.50
CA THR A 58 8.63 15.82 31.30
C THR A 58 7.66 16.91 30.88
N LEU A 59 6.95 16.70 29.78
CA LEU A 59 5.94 17.63 29.28
C LEU A 59 4.57 17.37 29.92
N ALA A 60 4.21 16.10 30.11
CA ALA A 60 2.91 15.71 30.63
C ALA A 60 2.94 14.22 30.93
N GLN A 61 1.94 13.79 31.69
CA GLN A 61 1.64 12.38 31.89
C GLN A 61 0.45 12.02 30.99
N VAL A 62 0.58 10.90 30.28
CA VAL A 62 -0.50 10.34 29.48
C VAL A 62 -0.77 8.91 29.96
N SER A 63 -1.92 8.38 29.54
CA SER A 63 -2.43 7.09 30.03
C SER A 63 -2.09 5.95 29.08
N GLN A 64 -1.74 4.81 29.67
CA GLN A 64 -1.67 3.55 28.91
C GLN A 64 -3.08 2.96 28.88
N ALA A 65 -3.73 3.02 27.73
CA ALA A 65 -5.10 2.52 27.63
C ALA A 65 -5.20 1.04 28.03
N THR A 66 -6.25 0.74 28.77
CA THR A 66 -6.64 -0.64 29.04
C THR A 66 -7.45 -1.22 27.89
N GLN A 67 -7.62 -2.54 27.91
CA GLN A 67 -8.57 -3.19 27.02
C GLN A 67 -9.96 -2.60 27.18
N ALA A 68 -10.38 -2.29 28.42
CA ALA A 68 -11.70 -1.69 28.64
C ALA A 68 -11.83 -0.36 27.91
N ASP A 69 -10.76 0.46 27.89
CA ASP A 69 -10.79 1.72 27.17
C ASP A 69 -10.95 1.48 25.67
N VAL A 70 -10.15 0.58 25.11
CA VAL A 70 -10.22 0.31 23.68
C VAL A 70 -11.62 -0.19 23.29
N ASP A 71 -12.20 -1.10 24.09
CA ASP A 71 -13.57 -1.53 23.87
C ASP A 71 -14.52 -0.35 23.89
N ALA A 72 -14.34 0.57 24.84
CA ALA A 72 -15.23 1.70 24.95
C ALA A 72 -15.09 2.62 23.73
N ALA A 73 -13.85 2.88 23.30
CA ALA A 73 -13.66 3.77 22.17
C ALA A 73 -14.26 3.18 20.91
N VAL A 74 -14.11 1.87 20.72
CA VAL A 74 -14.68 1.23 19.53
C VAL A 74 -16.20 1.25 19.60
N LYS A 75 -16.76 1.05 20.78
CA LYS A 75 -18.21 1.10 20.96
C LYS A 75 -18.77 2.49 20.73
N ALA A 76 -18.02 3.54 21.07
CA ALA A 76 -18.48 4.90 20.80
C ALA A 76 -18.41 5.22 19.32
N ALA A 77 -17.34 4.78 18.65
CA ALA A 77 -17.22 4.92 17.21
C ALA A 77 -18.35 4.19 16.49
N ARG A 78 -18.69 2.98 16.96
CA ARG A 78 -19.77 2.23 16.34
C ARG A 78 -21.11 2.93 16.55
N LYS A 79 -21.35 3.44 17.76
CA LYS A 79 -22.64 4.05 18.06
C LYS A 79 -22.88 5.31 17.23
N ALA A 80 -21.82 6.10 16.98
CA ALA A 80 -21.96 7.34 16.23
C ALA A 80 -21.94 7.17 14.71
N GLN A 81 -21.51 6.02 14.18
CA GLN A 81 -21.17 5.98 12.76
C GLN A 81 -22.38 6.14 11.82
N PRO A 82 -23.50 5.43 12.00
CA PRO A 82 -24.56 5.52 10.97
C PRO A 82 -25.15 6.92 10.76
N ALA A 83 -25.45 7.68 11.82
CA ALA A 83 -25.90 9.06 11.61
C ALA A 83 -24.81 9.90 10.96
N TRP A 84 -23.55 9.64 11.29
CA TRP A 84 -22.45 10.35 10.64
C TRP A 84 -22.42 10.07 9.14
N ALA A 85 -22.61 8.81 8.75
CA ALA A 85 -22.56 8.42 7.34
C ALA A 85 -23.72 8.98 6.52
N LYS A 86 -24.80 9.41 7.16
CA LYS A 86 -26.02 9.71 6.43
C LYS A 86 -25.91 10.98 5.59
N ASP A 87 -25.20 11.99 6.10
CA ASP A 87 -25.25 13.35 5.57
C ASP A 87 -23.84 13.80 5.21
N GLY A 88 -23.47 13.67 3.94
CA GLY A 88 -22.12 14.02 3.53
C GLY A 88 -21.85 15.50 3.50
N ALA A 89 -22.86 16.32 3.19
CA ALA A 89 -22.67 17.76 3.23
C ALA A 89 -22.36 18.24 4.65
N ALA A 90 -22.98 17.62 5.65
CA ALA A 90 -22.66 17.99 7.02
C ALA A 90 -21.26 17.50 7.42
N ARG A 91 -20.83 16.35 6.89
CA ARG A 91 -19.47 15.92 7.16
C ARG A 91 -18.47 16.90 6.57
N ALA A 92 -18.76 17.42 5.36
CA ALA A 92 -17.86 18.38 4.74
C ALA A 92 -17.65 19.60 5.62
N ARG A 93 -18.75 20.13 6.20
CA ARG A 93 -18.64 21.31 7.06
C ARG A 93 -17.72 21.05 8.25
N VAL A 94 -17.77 19.84 8.82
CA VAL A 94 -16.96 19.54 9.99
C VAL A 94 -15.48 19.47 9.62
N LEU A 95 -15.17 18.77 8.53
CA LEU A 95 -13.77 18.68 8.08
C LEU A 95 -13.22 20.06 7.74
N TYR A 96 -14.03 20.90 7.08
CA TYR A 96 -13.65 22.28 6.83
C TYR A 96 -13.37 23.01 8.15
N ALA A 97 -14.26 22.84 9.14
CA ALA A 97 -14.05 23.49 10.45
C ALA A 97 -12.77 22.99 11.11
N LEU A 98 -12.50 21.68 11.02
CA LEU A 98 -11.24 21.16 11.54
C LEU A 98 -10.04 21.80 10.85
N ALA A 99 -10.12 21.99 9.53
CA ALA A 99 -9.02 22.68 8.84
C ALA A 99 -8.86 24.12 9.34
N ARG A 100 -9.98 24.83 9.54
CA ARG A 100 -9.90 26.22 9.99
C ARG A 100 -9.33 26.32 11.41
N LEU A 101 -9.65 25.34 12.27
CA LEU A 101 -9.10 25.34 13.62
C LEU A 101 -7.62 25.01 13.62
N LEU A 102 -7.20 24.09 12.73
CA LEU A 102 -5.78 23.84 12.57
C LEU A 102 -5.04 25.10 12.14
N GLN A 103 -5.68 25.93 11.32
CA GLN A 103 -5.06 27.17 10.85
C GLN A 103 -5.07 28.26 11.93
N LYS A 104 -6.18 28.43 12.64
CA LYS A 104 -6.21 29.42 13.72
C LYS A 104 -5.18 29.08 14.80
N HIS A 105 -5.09 27.81 15.18
CA HIS A 105 -4.19 27.40 16.25
C HIS A 105 -2.87 26.86 15.70
N ALA A 106 -2.52 27.27 14.47
CA ALA A 106 -1.30 26.83 13.80
C ALA A 106 -0.08 26.91 14.72
N ARG A 107 0.16 28.09 15.31
CA ARG A 107 1.35 28.29 16.15
C ARG A 107 1.35 27.34 17.33
N LEU A 108 0.19 27.11 17.94
CA LEU A 108 0.11 26.18 19.07
C LEU A 108 0.43 24.76 18.63
N PHE A 109 -0.10 24.33 17.48
CA PHE A 109 0.21 22.97 17.01
C PHE A 109 1.68 22.81 16.68
N ALA A 110 2.27 23.80 15.99
CA ALA A 110 3.67 23.73 15.62
C ALA A 110 4.59 23.65 16.84
N VAL A 111 4.43 24.59 17.77
CA VAL A 111 5.27 24.58 18.99
C VAL A 111 5.12 23.25 19.72
N LEU A 112 3.87 22.79 19.89
CA LEU A 112 3.63 21.55 20.61
C LEU A 112 4.30 20.36 19.92
N GLU A 113 4.28 20.34 18.59
CA GLU A 113 4.96 19.26 17.86
C GLU A 113 6.46 19.29 18.10
N THR A 114 7.06 20.49 18.05
CA THR A 114 8.49 20.63 18.30
C THR A 114 8.85 20.22 19.72
N LEU A 115 8.04 20.63 20.70
CA LEU A 115 8.30 20.26 22.09
C LEU A 115 8.31 18.74 22.27
N ASP A 116 7.38 18.05 21.62
CA ASP A 116 7.13 16.63 21.87
C ASP A 116 8.06 15.72 21.09
N ASN A 117 8.36 16.11 19.84
CA ASN A 117 9.07 15.29 18.87
C ASN A 117 10.54 15.65 18.71
N GLY A 118 10.90 16.92 18.87
CA GLY A 118 12.27 17.36 18.70
C GLY A 118 12.56 18.03 17.38
N LYS A 119 11.60 18.08 16.46
CA LYS A 119 11.86 18.63 15.13
C LYS A 119 11.99 20.16 15.16
N PRO A 120 12.78 20.72 14.27
CA PRO A 120 12.89 22.18 14.18
C PRO A 120 11.51 22.83 14.03
N ILE A 121 11.29 23.90 14.80
CA ILE A 121 10.03 24.64 14.71
C ILE A 121 9.75 25.10 13.29
N ARG A 122 10.79 25.33 12.49
CA ARG A 122 10.56 25.78 11.12
C ARG A 122 9.95 24.68 10.26
N GLU A 123 10.28 23.41 10.52
CA GLU A 123 9.64 22.35 9.73
C GLU A 123 8.18 22.18 10.14
N ALA A 124 7.92 22.17 11.46
CA ALA A 124 6.56 21.99 11.97
C ALA A 124 5.64 23.10 11.48
N ARG A 125 6.17 24.33 11.41
CA ARG A 125 5.36 25.49 11.05
C ARG A 125 5.17 25.63 9.54
N ASP A 126 6.18 25.27 8.73
CA ASP A 126 6.11 25.44 7.29
C ASP A 126 5.69 24.19 6.54
N ILE A 127 5.77 23.03 7.18
CA ILE A 127 5.53 21.77 6.48
C ILE A 127 4.41 21.00 7.16
N ASP A 128 4.64 20.60 8.43
CA ASP A 128 3.71 19.68 9.12
C ASP A 128 2.30 20.27 9.21
N VAL A 129 2.17 21.44 9.81
CA VAL A 129 0.86 22.02 10.07
C VAL A 129 0.20 22.50 8.78
N PRO A 130 0.90 23.22 7.88
CA PRO A 130 0.26 23.55 6.58
C PRO A 130 -0.24 22.33 5.84
N LEU A 131 0.55 21.26 5.74
CA LEU A 131 0.05 20.10 5.01
C LEU A 131 -1.13 19.45 5.72
N ALA A 132 -1.16 19.50 7.06
CA ALA A 132 -2.30 18.95 7.78
C ALA A 132 -3.57 19.73 7.49
N GLN A 133 -3.48 21.06 7.45
CA GLN A 133 -4.63 21.89 7.10
C GLN A 133 -5.14 21.53 5.72
N ARG A 134 -4.24 21.52 4.76
CA ARG A 134 -4.57 21.22 3.38
C ARG A 134 -5.28 19.86 3.28
N HIS A 135 -4.81 18.87 4.05
CA HIS A 135 -5.45 17.57 3.96
C HIS A 135 -6.92 17.64 4.37
N PHE A 136 -7.22 18.42 5.41
CA PHE A 136 -8.61 18.54 5.85
C PHE A 136 -9.43 19.43 4.91
N TYR A 137 -8.87 20.57 4.48
CA TYR A 137 -9.53 21.38 3.47
C TYR A 137 -9.87 20.55 2.23
N HIS A 138 -8.88 19.81 1.73
CA HIS A 138 -9.08 19.12 0.47
C HIS A 138 -10.13 18.01 0.61
N HIS A 139 -10.08 17.27 1.71
CA HIS A 139 -10.96 16.11 1.87
C HIS A 139 -12.39 16.47 2.27
N ALA A 140 -12.62 17.65 2.85
CA ALA A 140 -13.97 18.14 3.02
C ALA A 140 -14.78 17.94 1.74
N GLY A 141 -14.17 18.25 0.59
CA GLY A 141 -14.88 18.18 -0.67
C GLY A 141 -15.26 16.78 -1.10
N TYR A 142 -14.45 15.77 -0.75
CA TYR A 142 -14.84 14.39 -1.04
C TYR A 142 -16.12 14.02 -0.30
N ALA A 143 -16.26 14.46 0.96
CA ALA A 143 -17.50 14.22 1.69
C ALA A 143 -18.69 14.89 1.01
N GLN A 144 -18.50 16.14 0.56
CA GLN A 144 -19.54 16.84 -0.18
C GLN A 144 -19.95 16.10 -1.45
N LEU A 145 -19.00 15.45 -2.12
CA LEU A 145 -19.29 14.86 -3.43
C LEU A 145 -19.61 13.37 -3.39
N MET A 146 -19.50 12.72 -2.23
CA MET A 146 -19.54 11.26 -2.18
C MET A 146 -20.88 10.71 -2.68
N GLY A 147 -21.99 11.27 -2.21
CA GLY A 147 -23.29 10.79 -2.62
C GLY A 147 -23.49 10.79 -4.12
N THR A 148 -23.15 11.90 -4.80
CA THR A 148 -23.42 12.00 -6.23
C THR A 148 -22.30 11.43 -7.09
N GLU A 149 -21.03 11.59 -6.69
CA GLU A 149 -19.93 11.17 -7.56
C GLU A 149 -19.44 9.76 -7.27
N MET A 150 -19.74 9.21 -6.09
CA MET A 150 -19.40 7.82 -5.79
C MET A 150 -20.64 7.06 -5.32
N PRO A 151 -21.71 7.07 -6.13
CA PRO A 151 -23.00 6.56 -5.62
C PRO A 151 -23.00 5.06 -5.36
N ASP A 152 -22.12 4.31 -6.02
CA ASP A 152 -22.01 2.87 -5.81
C ASP A 152 -21.11 2.51 -4.62
N ARG A 153 -20.69 3.48 -3.82
CA ARG A 153 -19.77 3.26 -2.71
C ARG A 153 -20.43 3.63 -1.40
N ALA A 154 -19.99 2.98 -0.32
CA ALA A 154 -20.56 3.20 0.99
C ALA A 154 -19.47 3.10 2.04
N PRO A 155 -19.67 3.69 3.22
CA PRO A 155 -18.65 3.63 4.27
C PRO A 155 -18.31 2.19 4.64
N LEU A 156 -17.16 2.02 5.29
CA LEU A 156 -16.83 0.73 5.90
C LEU A 156 -17.35 0.62 7.33
N GLY A 157 -17.39 1.72 8.07
CA GLY A 157 -17.88 1.70 9.44
C GLY A 157 -16.87 2.32 10.38
N VAL A 158 -16.19 1.48 11.17
CA VAL A 158 -15.24 1.94 12.18
C VAL A 158 -13.84 1.59 11.73
N CYS A 159 -12.91 2.53 11.91
CA CYS A 159 -11.52 2.38 11.49
C CYS A 159 -10.62 2.46 12.70
N GLY A 160 -9.84 1.41 12.94
CA GLY A 160 -8.77 1.46 13.92
C GLY A 160 -7.52 1.95 13.21
N GLN A 161 -6.86 2.92 13.81
CA GLN A 161 -5.75 3.58 13.13
C GLN A 161 -4.58 3.72 14.10
N VAL A 162 -3.38 3.39 13.63
CA VAL A 162 -2.17 3.37 14.43
C VAL A 162 -1.07 4.02 13.61
N ILE A 163 -0.30 4.92 14.22
CA ILE A 163 0.66 5.75 13.49
C ILE A 163 1.96 5.88 14.27
N PRO A 164 3.06 6.26 13.57
CA PRO A 164 4.35 6.37 14.24
C PRO A 164 4.69 7.78 14.71
N TRP A 165 5.96 7.98 15.09
CA TRP A 165 6.37 9.16 15.83
C TRP A 165 6.98 10.25 14.96
N ASN A 166 7.24 10.00 13.67
CA ASN A 166 8.07 10.95 12.93
C ASN A 166 7.32 12.20 12.50
N PHE A 167 6.06 12.09 12.06
CA PHE A 167 5.25 13.24 11.69
C PHE A 167 3.90 13.16 12.38
N PRO A 168 3.86 13.44 13.69
CA PRO A 168 2.65 13.07 14.47
C PRO A 168 1.36 13.73 13.99
N LEU A 169 1.34 15.05 13.78
CA LEU A 169 0.08 15.66 13.35
C LEU A 169 -0.25 15.29 11.93
N LEU A 170 0.74 15.33 11.05
CA LEU A 170 0.50 15.04 9.63
C LEU A 170 0.04 13.60 9.44
N MET A 171 0.66 12.66 10.17
CA MET A 171 0.24 11.27 10.10
C MET A 171 -1.20 11.10 10.59
N LEU A 172 -1.59 11.88 11.59
CA LEU A 172 -2.97 11.83 12.05
C LEU A 172 -3.92 12.32 10.96
N ALA A 173 -3.57 13.44 10.32
CA ALA A 173 -4.42 13.99 9.27
C ALA A 173 -4.56 13.02 8.11
N TRP A 174 -3.46 12.37 7.71
CA TRP A 174 -3.50 11.37 6.65
C TRP A 174 -4.46 10.22 6.97
N LYS A 175 -4.62 9.89 8.24
CA LYS A 175 -5.54 8.81 8.63
C LYS A 175 -6.97 9.32 8.78
N ILE A 176 -7.15 10.42 9.50
CA ILE A 176 -8.48 10.83 9.96
C ILE A 176 -9.30 11.49 8.85
N ALA A 177 -8.67 12.34 8.03
CA ALA A 177 -9.44 13.12 7.06
C ALA A 177 -10.16 12.29 6.01
N PRO A 178 -9.51 11.33 5.32
CA PRO A 178 -10.29 10.49 4.38
C PRO A 178 -11.24 9.53 5.06
N ALA A 179 -10.90 9.02 6.25
CA ALA A 179 -11.84 8.16 6.94
C ALA A 179 -13.14 8.92 7.24
N LEU A 180 -13.02 10.10 7.84
CA LEU A 180 -14.18 10.91 8.15
C LEU A 180 -14.94 11.31 6.88
N ALA A 181 -14.21 11.63 5.80
CA ALA A 181 -14.87 12.13 4.60
C ALA A 181 -15.82 11.10 4.04
N MET A 182 -15.39 9.84 4.02
CA MET A 182 -16.16 8.73 3.49
C MET A 182 -17.18 8.18 4.47
N GLY A 183 -17.41 8.86 5.61
CA GLY A 183 -18.49 8.46 6.51
C GLY A 183 -18.12 7.42 7.55
N ASN A 184 -16.84 7.12 7.72
CA ASN A 184 -16.37 6.25 8.78
C ASN A 184 -16.13 7.05 10.06
N THR A 185 -16.08 6.34 11.19
CA THR A 185 -15.61 6.90 12.46
C THR A 185 -14.29 6.22 12.83
N VAL A 186 -13.56 6.83 13.79
CA VAL A 186 -12.18 6.44 14.00
C VAL A 186 -11.86 6.22 15.48
N VAL A 187 -10.98 5.25 15.71
CA VAL A 187 -10.25 5.08 16.95
C VAL A 187 -8.77 5.11 16.56
N LEU A 188 -8.06 6.16 16.93
CA LEU A 188 -6.67 6.34 16.53
C LEU A 188 -5.78 6.42 17.76
N LYS A 189 -4.63 5.74 17.67
CA LYS A 189 -3.63 5.76 18.72
C LYS A 189 -2.35 6.40 18.17
N PRO A 190 -1.93 7.54 18.67
CA PRO A 190 -0.61 8.07 18.26
C PRO A 190 0.52 7.25 18.86
N ALA A 191 1.76 7.56 18.50
CA ALA A 191 2.92 6.84 19.01
C ALA A 191 3.16 7.20 20.48
N GLU A 192 3.68 6.23 21.24
CA GLU A 192 3.88 6.46 22.67
C GLU A 192 4.86 7.60 22.93
N TRP A 193 5.77 7.87 21.99
CA TRP A 193 6.71 8.96 22.20
C TRP A 193 6.10 10.32 21.90
N THR A 194 5.09 10.37 21.02
CA THR A 194 4.58 11.65 20.50
C THR A 194 3.05 11.70 20.55
N PRO A 195 2.45 11.74 21.75
CA PRO A 195 0.99 11.79 21.84
C PRO A 195 0.37 13.18 21.77
N LEU A 196 1.14 14.23 22.02
CA LEU A 196 0.55 15.50 22.45
C LEU A 196 -0.30 16.15 21.36
N THR A 197 0.20 16.25 20.12
CA THR A 197 -0.59 16.97 19.12
C THR A 197 -1.85 16.20 18.74
N ALA A 198 -1.86 14.87 18.87
CA ALA A 198 -3.11 14.14 18.70
C ALA A 198 -4.09 14.44 19.85
N LEU A 199 -3.56 14.63 21.06
CA LEU A 199 -4.44 15.01 22.16
C LEU A 199 -4.96 16.43 21.98
N LEU A 200 -4.17 17.32 21.39
CA LEU A 200 -4.71 18.65 21.09
C LEU A 200 -5.76 18.57 19.96
N PHE A 201 -5.50 17.75 18.94
CA PHE A 201 -6.51 17.55 17.89
C PHE A 201 -7.82 17.06 18.49
N ALA A 202 -7.75 16.06 19.38
CA ALA A 202 -8.94 15.68 20.13
C ALA A 202 -9.57 16.87 20.85
N ASP A 203 -8.75 17.76 21.39
CA ASP A 203 -9.30 18.84 22.21
C ASP A 203 -10.01 19.93 21.38
N ILE A 204 -9.81 19.97 20.05
CA ILE A 204 -10.57 20.91 19.20
C ILE A 204 -11.76 20.25 18.50
N CYS A 205 -11.94 18.93 18.63
CA CYS A 205 -13.02 18.27 17.89
C CYS A 205 -14.38 18.81 18.29
N GLY A 206 -14.60 19.06 19.58
CA GLY A 206 -15.86 19.65 20.00
C GLY A 206 -16.15 20.97 19.29
N GLN A 207 -15.13 21.84 19.23
CA GLN A 207 -15.31 23.18 18.65
C GLN A 207 -15.65 23.12 17.17
N ALA A 208 -15.14 22.12 16.46
CA ALA A 208 -15.37 21.94 15.02
C ALA A 208 -16.72 21.31 14.69
N GLY A 209 -17.48 20.87 15.68
CA GLY A 209 -18.74 20.21 15.42
C GLY A 209 -18.67 18.72 15.23
N VAL A 210 -17.51 18.09 15.45
CA VAL A 210 -17.35 16.64 15.38
C VAL A 210 -18.37 15.97 16.31
N PRO A 211 -19.41 15.32 15.80
CA PRO A 211 -20.39 14.70 16.70
C PRO A 211 -19.75 13.66 17.59
N ALA A 212 -20.34 13.49 18.78
CA ALA A 212 -19.70 12.72 19.85
C ALA A 212 -19.47 11.28 19.41
N GLY A 213 -18.21 10.83 19.52
CA GLY A 213 -17.86 9.46 19.20
C GLY A 213 -17.42 9.24 17.77
N VAL A 214 -17.36 10.29 16.97
CA VAL A 214 -16.90 10.17 15.60
C VAL A 214 -15.37 10.11 15.52
N VAL A 215 -14.68 10.83 16.41
CA VAL A 215 -13.23 10.71 16.59
C VAL A 215 -12.99 10.23 18.01
N ASN A 216 -12.13 9.22 18.16
CA ASN A 216 -11.73 8.73 19.47
C ASN A 216 -10.22 8.54 19.47
N ILE A 217 -9.55 9.16 20.43
CA ILE A 217 -8.10 9.11 20.54
C ILE A 217 -7.75 8.37 21.83
N VAL A 218 -6.98 7.29 21.72
CA VAL A 218 -6.49 6.58 22.89
C VAL A 218 -4.97 6.51 22.80
N THR A 219 -4.29 6.61 23.93
CA THR A 219 -2.84 6.63 23.95
C THR A 219 -2.30 5.34 24.57
N GLY A 220 -1.04 5.04 24.29
CA GLY A 220 -0.38 3.86 24.80
C GLY A 220 0.69 3.38 23.84
N ASP A 221 1.36 2.29 24.24
CA ASP A 221 2.42 1.70 23.43
C ASP A 221 1.85 0.63 22.49
N GLY A 222 2.72 -0.22 21.92
CA GLY A 222 2.30 -1.22 20.95
C GLY A 222 1.25 -2.19 21.47
N ALA A 223 1.19 -2.39 22.78
CA ALA A 223 0.16 -3.26 23.35
C ALA A 223 -1.24 -2.67 23.15
N VAL A 224 -1.37 -1.34 23.18
CA VAL A 224 -2.65 -0.70 22.89
C VAL A 224 -2.93 -0.75 21.39
N GLY A 225 -1.88 -0.60 20.58
CA GLY A 225 -2.03 -0.84 19.15
C GLY A 225 -2.57 -2.24 18.85
N GLU A 226 -2.06 -3.26 19.55
CA GLU A 226 -2.53 -4.62 19.32
C GLU A 226 -4.02 -4.75 19.63
N MET A 227 -4.49 -4.08 20.68
CA MET A 227 -5.90 -4.14 21.04
C MET A 227 -6.78 -3.50 19.97
N ILE A 228 -6.32 -2.42 19.36
CA ILE A 228 -7.10 -1.76 18.32
C ILE A 228 -7.18 -2.64 17.07
N VAL A 229 -6.05 -3.21 16.68
CA VAL A 229 -5.97 -4.03 15.47
C VAL A 229 -6.94 -5.20 15.55
N THR A 230 -7.02 -5.87 16.70
CA THR A 230 -7.91 -7.01 16.86
C THR A 230 -9.27 -6.65 17.43
N ALA A 231 -9.64 -5.38 17.41
CA ALA A 231 -10.94 -5.02 17.97
C ALA A 231 -12.01 -5.18 16.89
N GLN A 232 -13.28 -5.04 17.31
CA GLN A 232 -14.42 -5.15 16.39
C GLN A 232 -14.50 -3.96 15.44
N VAL A 233 -13.49 -3.78 14.59
CA VAL A 233 -13.48 -2.67 13.65
C VAL A 233 -13.58 -3.22 12.22
N ASP A 234 -14.06 -2.37 11.32
CA ASP A 234 -14.19 -2.76 9.91
C ASP A 234 -12.93 -2.51 9.12
N LYS A 235 -12.00 -1.72 9.63
CA LYS A 235 -10.83 -1.33 8.86
C LYS A 235 -9.67 -1.18 9.83
N VAL A 236 -8.49 -1.54 9.36
CA VAL A 236 -7.25 -1.21 10.06
C VAL A 236 -6.34 -0.50 9.08
N ALA A 237 -5.80 0.64 9.50
CA ALA A 237 -4.87 1.43 8.71
C ALA A 237 -3.64 1.70 9.57
N PHE A 238 -2.49 1.30 9.08
CA PHE A 238 -1.27 1.32 9.86
C PHE A 238 -0.17 1.99 9.06
N THR A 239 0.60 2.84 9.74
CA THR A 239 1.88 3.32 9.27
C THR A 239 2.91 3.00 10.34
N GLY A 240 4.02 2.39 9.94
CA GLY A 240 5.04 2.01 10.89
C GLY A 240 5.97 0.97 10.29
N SER A 241 6.63 0.22 11.19
CA SER A 241 7.72 -0.66 10.76
C SER A 241 7.18 -1.87 10.01
N THR A 242 8.04 -2.39 9.13
CA THR A 242 7.72 -3.58 8.35
C THR A 242 7.36 -4.76 9.24
N ALA A 243 8.09 -4.95 10.35
CA ALA A 243 7.84 -6.11 11.20
C ALA A 243 6.46 -6.03 11.85
N VAL A 244 6.08 -4.87 12.38
CA VAL A 244 4.75 -4.76 12.96
C VAL A 244 3.69 -4.90 11.88
N GLY A 245 3.98 -4.40 10.68
CA GLY A 245 3.08 -4.59 9.56
C GLY A 245 2.79 -6.06 9.31
N ARG A 246 3.84 -6.90 9.34
CA ARG A 246 3.61 -8.33 9.12
C ARG A 246 2.70 -8.91 10.19
N ARG A 247 2.90 -8.52 11.45
CA ARG A 247 2.10 -9.08 12.54
C ARG A 247 0.66 -8.62 12.44
N ILE A 248 0.45 -7.39 11.98
CA ILE A 248 -0.91 -6.90 11.78
C ILE A 248 -1.57 -7.65 10.64
N ARG A 249 -0.88 -7.85 9.52
CA ARG A 249 -1.45 -8.69 8.47
C ARG A 249 -1.84 -10.07 9.02
N GLU A 250 -1.03 -10.63 9.94
CA GLU A 250 -1.35 -11.94 10.50
C GLU A 250 -2.52 -11.88 11.47
N ALA A 251 -2.51 -10.91 12.40
CA ALA A 251 -3.59 -10.84 13.36
C ALA A 251 -4.95 -10.53 12.73
N THR A 252 -4.97 -9.92 11.54
CA THR A 252 -6.23 -9.63 10.88
C THR A 252 -6.59 -10.65 9.81
N ALA A 253 -5.79 -11.70 9.65
CA ALA A 253 -6.03 -12.69 8.61
C ALA A 253 -7.35 -13.41 8.86
N GLY A 254 -8.20 -13.44 7.83
CA GLY A 254 -9.47 -14.15 7.86
C GLY A 254 -10.61 -13.43 8.54
N THR A 255 -10.44 -12.17 8.97
CA THR A 255 -11.50 -11.48 9.72
C THR A 255 -12.43 -10.68 8.84
N GLY A 256 -12.16 -10.56 7.54
CA GLY A 256 -12.98 -9.74 6.69
C GLY A 256 -12.71 -8.25 6.80
N LYS A 257 -11.68 -7.85 7.55
CA LYS A 257 -11.36 -6.43 7.73
C LYS A 257 -10.60 -5.90 6.53
N ALA A 258 -10.88 -4.65 6.18
CA ALA A 258 -10.02 -3.95 5.23
C ALA A 258 -8.69 -3.62 5.89
N LEU A 259 -7.63 -3.51 5.10
CA LEU A 259 -6.29 -3.34 5.65
C LEU A 259 -5.41 -2.53 4.71
N SER A 260 -4.75 -1.51 5.25
CA SER A 260 -3.76 -0.76 4.51
C SER A 260 -2.52 -0.62 5.38
N LEU A 261 -1.35 -0.71 4.74
CA LEU A 261 -0.07 -0.75 5.45
C LEU A 261 0.90 0.19 4.72
N GLU A 262 1.42 1.20 5.43
CA GLU A 262 2.47 2.06 4.89
C GLU A 262 3.71 1.81 5.74
N LEU A 263 4.69 1.11 5.18
CA LEU A 263 5.71 0.46 5.99
C LEU A 263 7.10 1.05 5.82
N GLY A 264 7.22 2.18 5.15
CA GLY A 264 8.53 2.81 5.06
C GLY A 264 9.44 2.11 4.08
N GLY A 265 10.73 2.34 4.27
CA GLY A 265 11.73 2.04 3.28
C GLY A 265 12.20 3.36 2.73
N LYS A 266 13.45 3.70 2.98
CA LYS A 266 13.98 4.99 2.57
C LYS A 266 14.49 4.86 1.14
N GLY A 267 14.09 5.78 0.28
CA GLY A 267 14.14 5.59 -1.15
C GLY A 267 15.33 6.20 -1.86
N PRO A 268 15.55 5.74 -3.10
CA PRO A 268 16.75 6.17 -3.83
C PRO A 268 16.58 7.54 -4.47
N TYR A 269 17.71 8.22 -4.61
CA TYR A 269 17.84 9.59 -5.07
C TYR A 269 18.84 9.54 -6.23
N VAL A 270 18.33 9.41 -7.46
CA VAL A 270 19.15 9.16 -8.64
C VAL A 270 19.59 10.50 -9.23
N VAL A 271 20.90 10.69 -9.33
CA VAL A 271 21.48 11.96 -9.79
C VAL A 271 22.27 11.67 -11.07
N CYS A 272 21.70 12.02 -12.21
CA CYS A 272 22.32 11.74 -13.50
C CYS A 272 23.44 12.73 -13.81
N ASP A 273 24.26 12.34 -14.79
CA ASP A 273 25.42 13.14 -15.20
C ASP A 273 25.03 14.56 -15.58
N ASP A 274 23.81 14.76 -16.12
CA ASP A 274 23.37 16.08 -16.57
C ASP A 274 22.36 16.73 -15.62
N ALA A 275 22.33 16.33 -14.36
CA ALA A 275 21.38 16.94 -13.43
C ALA A 275 21.80 18.37 -13.09
N ASP A 276 20.86 19.12 -12.53
CA ASP A 276 21.22 20.39 -11.91
C ASP A 276 21.94 20.07 -10.60
N ILE A 277 23.28 20.12 -10.63
CA ILE A 277 24.07 19.69 -9.48
C ILE A 277 23.66 20.45 -8.22
N ASP A 278 23.62 21.80 -8.30
CA ASP A 278 23.41 22.58 -7.08
C ASP A 278 22.01 22.34 -6.52
N SER A 279 20.97 22.40 -7.36
CA SER A 279 19.62 22.11 -6.89
C SER A 279 19.50 20.68 -6.36
N ALA A 280 20.21 19.72 -6.98
CA ALA A 280 20.14 18.34 -6.50
C ALA A 280 20.78 18.21 -5.13
N VAL A 281 21.95 18.83 -4.94
CA VAL A 281 22.62 18.83 -3.63
C VAL A 281 21.71 19.49 -2.59
N GLU A 282 21.20 20.67 -2.91
CA GLU A 282 20.35 21.39 -1.97
C GLU A 282 19.11 20.57 -1.60
N GLY A 283 18.47 19.95 -2.59
CA GLY A 283 17.32 19.13 -2.28
C GLY A 283 17.65 18.00 -1.34
N LEU A 284 18.85 17.46 -1.46
CA LEU A 284 19.23 16.34 -0.60
C LEU A 284 19.51 16.82 0.81
N VAL A 285 20.22 17.94 0.95
CA VAL A 285 20.50 18.53 2.27
C VAL A 285 19.19 18.90 2.96
N ASP A 286 18.29 19.59 2.25
CA ASP A 286 17.02 19.97 2.85
C ASP A 286 16.16 18.76 3.21
N ALA A 287 16.56 17.57 2.82
CA ALA A 287 15.79 16.36 3.09
C ALA A 287 16.42 15.50 4.18
N ILE A 288 17.61 15.85 4.67
CA ILE A 288 18.32 14.99 5.61
C ILE A 288 17.52 14.81 6.90
N TRP A 289 17.04 15.91 7.48
CA TRP A 289 16.26 15.82 8.71
C TRP A 289 14.87 15.24 8.46
N PHE A 290 14.28 15.54 7.30
CA PHE A 290 12.94 15.06 6.99
C PHE A 290 12.91 13.52 6.89
N ASN A 291 13.97 12.92 6.35
CA ASN A 291 13.95 11.48 6.03
C ASN A 291 14.24 10.67 7.30
N GLN A 292 13.25 10.60 8.18
CA GLN A 292 13.35 9.77 9.37
C GLN A 292 12.02 9.07 9.63
N GLY A 293 12.11 7.84 10.18
CA GLY A 293 10.94 7.04 10.43
C GLY A 293 10.37 6.45 9.14
N GLN A 294 9.14 5.98 9.23
CA GLN A 294 8.47 5.33 8.09
C GLN A 294 7.61 6.36 7.36
N VAL A 295 8.27 7.20 6.58
CA VAL A 295 7.64 8.26 5.80
C VAL A 295 8.02 8.05 4.34
N CYS A 296 7.10 8.36 3.44
CA CYS A 296 7.42 8.39 2.02
C CYS A 296 8.44 9.48 1.77
N CYS A 297 9.63 9.10 1.32
CA CYS A 297 10.67 10.10 1.22
C CYS A 297 11.79 9.53 0.37
N ALA A 298 12.65 10.43 -0.10
CA ALA A 298 13.77 10.05 -0.94
C ALA A 298 14.94 10.91 -0.54
N GLY A 299 16.13 10.31 -0.57
CA GLY A 299 17.34 11.01 -0.18
C GLY A 299 18.35 10.08 0.46
N SER A 300 17.87 9.07 1.19
CA SER A 300 18.77 8.30 2.05
C SER A 300 19.70 7.39 1.26
N ARG A 301 19.25 6.84 0.13
CA ARG A 301 20.08 6.03 -0.75
CA ARG A 301 20.11 6.04 -0.73
C ARG A 301 20.48 6.89 -1.94
N LEU A 302 21.68 7.44 -1.91
CA LEU A 302 22.16 8.34 -2.94
C LEU A 302 22.89 7.56 -4.04
N LEU A 303 22.39 7.69 -5.28
CA LEU A 303 22.94 7.00 -6.45
C LEU A 303 23.34 8.06 -7.46
N VAL A 304 24.65 8.25 -7.67
CA VAL A 304 25.19 9.36 -8.46
C VAL A 304 26.03 8.80 -9.60
N GLN A 305 25.81 9.31 -10.82
CA GLN A 305 26.56 8.83 -11.98
CA GLN A 305 26.57 8.84 -11.97
C GLN A 305 28.05 9.11 -11.77
N GLU A 306 28.89 8.14 -12.14
CA GLU A 306 30.29 8.16 -11.75
C GLU A 306 31.05 9.38 -12.28
N GLY A 307 30.59 9.98 -13.38
CA GLY A 307 31.30 11.11 -13.95
C GLY A 307 31.29 12.37 -13.08
N ILE A 308 30.28 12.51 -12.22
CA ILE A 308 30.12 13.70 -11.38
C ILE A 308 30.16 13.38 -9.90
N ALA A 309 30.44 12.13 -9.53
CA ALA A 309 30.27 11.72 -8.13
C ALA A 309 31.19 12.48 -7.19
N ASP A 310 32.45 12.70 -7.58
CA ASP A 310 33.41 13.38 -6.70
C ASP A 310 33.00 14.82 -6.44
N VAL A 311 32.67 15.57 -7.51
CA VAL A 311 32.22 16.95 -7.34
C VAL A 311 30.93 16.99 -6.54
N PHE A 312 30.01 16.06 -6.81
CA PHE A 312 28.76 16.05 -6.08
C PHE A 312 28.98 15.79 -4.61
N HIS A 313 29.77 14.77 -4.27
CA HIS A 313 30.02 14.48 -2.87
C HIS A 313 30.75 15.63 -2.17
N ALA A 314 31.72 16.26 -2.87
CA ALA A 314 32.42 17.39 -2.27
C ALA A 314 31.46 18.53 -1.92
N LYS A 315 30.54 18.87 -2.83
CA LYS A 315 29.56 19.90 -2.53
C LYS A 315 28.61 19.46 -1.42
N LEU A 316 28.25 18.18 -1.42
CA LEU A 316 27.33 17.69 -0.40
C LEU A 316 27.89 17.86 1.00
N ARG A 317 29.15 17.44 1.20
CA ARG A 317 29.77 17.56 2.53
C ARG A 317 29.80 19.02 2.98
N ALA A 318 30.05 19.95 2.07
CA ALA A 318 30.14 21.35 2.48
C ALA A 318 28.77 21.90 2.85
N ARG A 319 27.75 21.61 2.05
CA ARG A 319 26.39 22.01 2.39
C ARG A 319 25.91 21.35 3.67
N MET A 320 26.33 20.12 3.93
CA MET A 320 26.00 19.48 5.20
C MET A 320 26.59 20.26 6.37
N ASP A 321 27.76 20.86 6.17
CA ASP A 321 28.38 21.66 7.22
C ASP A 321 27.59 22.93 7.52
N SER A 322 26.85 23.45 6.55
CA SER A 322 26.03 24.63 6.79
C SER A 322 24.74 24.35 7.55
N LEU A 323 24.36 23.09 7.76
CA LEU A 323 23.14 22.80 8.50
C LEU A 323 23.32 23.18 9.96
N ARG A 324 22.36 23.92 10.52
CA ARG A 324 22.48 24.41 11.88
C ARG A 324 21.78 23.45 12.86
N ILE A 325 22.51 23.06 13.90
CA ILE A 325 22.05 22.10 14.89
C ILE A 325 21.85 22.80 16.23
N GLY A 326 20.75 22.49 16.90
CA GLY A 326 20.60 22.98 18.27
C GLY A 326 19.13 23.05 18.67
N ASP A 327 18.84 24.05 19.50
CA ASP A 327 17.52 24.37 20.03
C ASP A 327 16.46 24.33 18.94
N PRO A 328 15.56 23.34 18.95
CA PRO A 328 14.54 23.25 17.91
C PRO A 328 13.49 24.36 17.99
N LEU A 329 13.41 25.10 19.09
CA LEU A 329 12.51 26.24 19.11
C LEU A 329 13.08 27.47 18.42
N ASP A 330 14.34 27.42 18.00
CA ASP A 330 14.95 28.49 17.23
C ASP A 330 14.60 28.29 15.75
N LYS A 331 13.88 29.25 15.16
CA LYS A 331 13.51 29.17 13.75
C LYS A 331 14.72 29.23 12.81
N CYS A 332 15.92 29.51 13.32
CA CYS A 332 17.16 29.46 12.56
C CYS A 332 17.91 28.15 12.77
N ILE A 333 17.21 27.02 12.81
CA ILE A 333 17.82 25.74 13.12
C ILE A 333 17.29 24.70 12.14
N ASP A 334 18.18 23.88 11.60
CA ASP A 334 17.86 22.88 10.59
C ASP A 334 17.85 21.46 11.12
N ILE A 335 18.63 21.18 12.15
CA ILE A 335 18.74 19.85 12.74
C ILE A 335 18.27 19.95 14.19
N GLY A 336 17.18 19.26 14.50
CA GLY A 336 16.62 19.29 15.83
C GLY A 336 17.19 18.20 16.71
N ALA A 337 16.48 17.91 17.79
CA ALA A 337 16.86 16.82 18.68
C ALA A 337 16.29 15.51 18.15
N MET A 338 17.04 14.43 18.32
CA MET A 338 16.49 13.11 18.03
C MET A 338 15.23 12.92 18.90
N VAL A 339 14.26 12.17 18.35
CA VAL A 339 12.95 12.02 18.98
C VAL A 339 13.04 11.39 20.37
N HIS A 340 14.03 10.53 20.62
CA HIS A 340 14.09 9.81 21.88
C HIS A 340 15.48 9.21 22.08
N PRO A 341 15.93 9.03 23.33
CA PRO A 341 17.24 8.39 23.54
C PRO A 341 17.36 7.01 22.91
N ASP A 342 16.28 6.22 22.90
CA ASP A 342 16.34 4.92 22.23
C ASP A 342 16.60 5.07 20.73
N GLN A 343 16.03 6.12 20.11
CA GLN A 343 16.25 6.32 18.69
C GLN A 343 17.68 6.75 18.42
N LEU A 344 18.21 7.64 19.26
CA LEU A 344 19.62 8.01 19.21
C LEU A 344 20.51 6.78 19.23
N ALA A 345 20.24 5.87 20.18
CA ALA A 345 21.08 4.69 20.33
C ALA A 345 20.95 3.77 19.13
N ARG A 346 19.77 3.71 18.53
CA ARG A 346 19.59 2.92 17.32
C ARG A 346 20.48 3.43 16.20
N VAL A 347 20.58 4.76 16.06
CA VAL A 347 21.45 5.34 15.05
C VAL A 347 22.91 5.01 15.35
N ARG A 348 23.34 5.28 16.58
CA ARG A 348 24.71 4.97 16.98
C ARG A 348 25.03 3.50 16.72
N ASP A 349 24.09 2.60 17.01
CA ASP A 349 24.35 1.18 16.82
C ASP A 349 24.47 0.83 15.34
N MET A 350 23.67 1.49 14.49
CA MET A 350 23.74 1.23 13.06
C MET A 350 25.11 1.60 12.49
N VAL A 351 25.61 2.78 12.86
CA VAL A 351 26.94 3.21 12.44
C VAL A 351 28.02 2.32 13.04
N ALA A 352 27.85 1.91 14.30
CA ALA A 352 28.84 1.02 14.91
C ALA A 352 28.84 -0.35 14.22
N ALA A 353 27.69 -0.78 13.72
CA ALA A 353 27.57 -2.07 13.06
C ALA A 353 28.10 -2.09 11.63
N ASN A 354 28.18 -0.94 10.95
CA ASN A 354 28.69 -0.90 9.58
C ASN A 354 30.21 -0.88 9.51
N THR A 355 30.76 -1.63 8.56
CA THR A 355 32.21 -1.58 8.32
C THR A 355 32.58 -1.14 6.90
N ASP A 356 31.60 -0.78 6.07
CA ASP A 356 31.86 -0.40 4.69
C ASP A 356 31.87 1.12 4.51
N GLY A 357 32.56 1.54 3.47
CA GLY A 357 32.51 2.93 3.07
C GLY A 357 33.40 3.84 3.90
N GLU A 358 33.18 5.13 3.67
CA GLU A 358 33.89 6.21 4.35
C GLU A 358 32.85 7.10 5.03
N VAL A 359 32.92 7.17 6.35
CA VAL A 359 31.94 7.92 7.13
C VAL A 359 32.42 9.35 7.27
N TYR A 360 31.54 10.29 6.95
CA TYR A 360 31.77 11.70 7.20
C TYR A 360 30.63 12.23 8.08
N GLN A 361 31.01 13.02 9.07
CA GLN A 361 30.08 13.52 10.06
C GLN A 361 30.42 14.97 10.35
N THR A 362 29.41 15.81 10.43
CA THR A 362 29.58 17.14 10.99
C THR A 362 29.67 17.02 12.52
N ALA A 363 30.05 18.11 13.17
CA ALA A 363 30.05 18.04 14.62
C ALA A 363 28.62 18.09 15.13
N VAL A 364 28.41 17.59 16.35
CA VAL A 364 27.09 17.67 17.00
C VAL A 364 27.27 18.19 18.42
N PRO A 365 26.30 18.90 19.00
CA PRO A 365 26.44 19.39 20.36
C PRO A 365 26.09 18.30 21.39
N ALA A 366 26.23 18.68 22.65
CA ALA A 366 25.94 17.75 23.74
C ALA A 366 24.46 17.39 23.74
N GLY A 367 24.17 16.14 24.08
CA GLY A 367 22.80 15.75 24.37
C GLY A 367 22.21 14.82 23.34
N CYS A 368 20.90 14.94 23.15
CA CYS A 368 20.14 14.05 22.28
C CYS A 368 20.15 14.53 20.83
N TYR A 369 21.35 14.81 20.32
CA TYR A 369 21.56 15.20 18.93
C TYR A 369 22.44 14.17 18.22
N TYR A 370 22.18 13.99 16.92
CA TYR A 370 23.05 13.23 16.04
C TYR A 370 23.30 14.07 14.78
N PRO A 371 24.55 14.15 14.32
CA PRO A 371 24.87 15.07 13.22
C PRO A 371 24.59 14.43 11.88
N PRO A 372 24.27 15.25 10.87
CA PRO A 372 24.16 14.74 9.50
C PRO A 372 25.39 13.90 9.13
N THR A 373 25.15 12.74 8.55
CA THR A 373 26.20 11.78 8.29
C THR A 373 26.09 11.29 6.85
N LEU A 374 27.24 11.25 6.16
CA LEU A 374 27.31 10.70 4.82
C LEU A 374 28.25 9.51 4.86
N ILE A 375 27.77 8.36 4.41
CA ILE A 375 28.59 7.15 4.25
C ILE A 375 28.68 6.87 2.76
N SER A 376 29.84 7.17 2.18
CA SER A 376 30.05 7.12 0.73
C SER A 376 31.03 6.01 0.40
N GLY A 377 31.17 5.76 -0.90
CA GLY A 377 32.11 4.75 -1.35
C GLY A 377 31.60 3.34 -1.18
N LEU A 378 30.30 3.16 -1.00
CA LEU A 378 29.71 1.84 -0.92
C LEU A 378 29.57 1.23 -2.32
N ALA A 379 29.72 -0.07 -2.38
CA ALA A 379 29.39 -0.77 -3.61
C ALA A 379 27.91 -1.12 -3.59
N PRO A 380 27.29 -1.34 -4.76
CA PRO A 380 25.84 -1.58 -4.79
C PRO A 380 25.40 -2.76 -3.93
N ALA A 381 26.28 -3.72 -3.69
CA ALA A 381 25.95 -4.92 -2.94
C ALA A 381 26.04 -4.76 -1.42
N SER A 382 26.44 -3.59 -0.92
CA SER A 382 26.69 -3.43 0.50
C SER A 382 25.37 -3.45 1.29
N PRO A 383 25.35 -4.09 2.47
CA PRO A 383 24.10 -4.17 3.24
C PRO A 383 23.48 -2.83 3.52
N LEU A 384 24.31 -1.82 3.78
CA LEU A 384 23.79 -0.50 4.09
C LEU A 384 22.98 0.07 2.92
N MET A 385 23.27 -0.37 1.69
CA MET A 385 22.45 0.02 0.56
C MET A 385 21.09 -0.68 0.55
N GLN A 386 20.94 -1.78 1.29
CA GLN A 386 19.68 -2.53 1.30
C GLN A 386 18.97 -2.57 2.66
N GLN A 387 19.68 -2.36 3.76
CA GLN A 387 19.00 -2.38 5.04
C GLN A 387 18.27 -1.05 5.28
N GLU A 388 17.40 -1.05 6.28
CA GLU A 388 16.79 0.20 6.71
C GLU A 388 17.87 1.12 7.26
N ILE A 389 17.66 2.43 7.13
CA ILE A 389 18.60 3.42 7.60
C ILE A 389 17.91 4.26 8.65
N PHE A 390 18.64 4.64 9.69
CA PHE A 390 18.09 5.42 10.79
C PHE A 390 18.86 6.73 10.93
N GLY A 391 18.19 7.73 11.47
CA GLY A 391 18.80 9.00 11.76
C GLY A 391 18.99 9.87 10.52
N PRO A 392 19.68 11.00 10.69
CA PRO A 392 20.01 11.88 9.56
C PRO A 392 21.24 11.35 8.85
N VAL A 393 21.07 10.21 8.20
CA VAL A 393 22.18 9.45 7.65
C VAL A 393 21.91 9.18 6.17
N LEU A 394 22.94 9.43 5.34
CA LEU A 394 22.91 9.21 3.90
C LEU A 394 23.93 8.13 3.54
N VAL A 395 23.54 7.23 2.65
CA VAL A 395 24.47 6.24 2.11
C VAL A 395 24.52 6.39 0.60
N SER A 396 25.69 6.14 0.01
CA SER A 396 25.93 6.55 -1.37
C SER A 396 26.72 5.50 -2.14
N THR A 397 26.39 5.35 -3.42
CA THR A 397 27.12 4.49 -4.34
C THR A 397 27.03 5.14 -5.72
N THR A 398 27.81 4.62 -6.66
CA THR A 398 27.85 5.23 -7.99
C THR A 398 27.25 4.32 -9.04
N PHE A 399 26.95 4.91 -10.20
CA PHE A 399 26.58 4.10 -11.37
C PHE A 399 27.19 4.69 -12.62
N ARG A 400 27.23 3.86 -13.68
CA ARG A 400 27.74 4.24 -14.99
C ARG A 400 26.63 4.59 -15.98
N THR A 401 25.64 3.72 -16.16
CA THR A 401 24.58 3.93 -17.14
C THR A 401 23.23 4.05 -16.45
N PRO A 402 22.25 4.70 -17.09
CA PRO A 402 20.91 4.74 -16.50
C PRO A 402 20.33 3.37 -16.21
N ALA A 403 20.58 2.38 -17.08
CA ALA A 403 20.09 1.03 -16.79
C ALA A 403 20.70 0.48 -15.50
N GLU A 404 21.96 0.84 -15.21
CA GLU A 404 22.56 0.38 -13.97
C GLU A 404 21.97 1.10 -12.77
N ALA A 405 21.63 2.38 -12.94
CA ALA A 405 20.93 3.11 -11.89
C ALA A 405 19.59 2.46 -11.57
N VAL A 406 18.81 2.09 -12.61
CA VAL A 406 17.55 1.39 -12.38
C VAL A 406 17.78 0.11 -11.60
N GLU A 407 18.77 -0.67 -12.02
CA GLU A 407 19.04 -1.94 -11.37
C GLU A 407 19.39 -1.75 -9.89
N ILE A 408 20.27 -0.79 -9.58
CA ILE A 408 20.67 -0.59 -8.19
C ILE A 408 19.50 -0.09 -7.36
N ALA A 409 18.66 0.77 -7.95
CA ALA A 409 17.54 1.35 -7.22
C ALA A 409 16.49 0.31 -6.88
N ASN A 410 16.19 -0.59 -7.82
CA ASN A 410 15.19 -1.61 -7.60
C ASN A 410 15.71 -2.83 -6.84
N ASN A 411 16.96 -2.83 -6.39
CA ASN A 411 17.55 -4.02 -5.77
C ASN A 411 17.43 -4.00 -4.24
N THR A 412 16.21 -3.82 -3.74
CA THR A 412 15.92 -3.91 -2.32
C THR A 412 14.56 -4.58 -2.16
N ALA A 413 14.25 -4.92 -0.91
CA ALA A 413 12.94 -5.47 -0.59
C ALA A 413 11.87 -4.39 -0.52
N TYR A 414 12.25 -3.13 -0.57
CA TYR A 414 11.35 -2.02 -0.39
C TYR A 414 10.91 -1.45 -1.73
N GLY A 415 10.00 -0.48 -1.67
CA GLY A 415 9.49 0.17 -2.85
C GLY A 415 8.47 1.21 -2.49
N LEU A 416 8.92 2.38 -2.04
CA LEU A 416 8.03 3.44 -1.60
C LEU A 416 8.16 4.65 -2.51
N ALA A 417 9.21 5.45 -2.33
CA ALA A 417 9.42 6.65 -3.11
C ALA A 417 10.81 6.65 -3.72
N ALA A 418 10.97 7.42 -4.79
CA ALA A 418 12.24 7.59 -5.46
C ALA A 418 12.33 9.01 -5.99
N SER A 419 13.56 9.47 -6.24
CA SER A 419 13.82 10.80 -6.79
C SER A 419 14.77 10.65 -7.97
N VAL A 420 14.52 11.42 -9.05
CA VAL A 420 15.35 11.39 -10.25
C VAL A 420 15.69 12.81 -10.69
N TRP A 421 16.98 13.09 -10.84
CA TRP A 421 17.48 14.42 -11.22
C TRP A 421 18.19 14.32 -12.57
N SER A 422 17.63 15.01 -13.56
CA SER A 422 18.23 15.15 -14.87
C SER A 422 17.57 16.36 -15.53
N GLU A 423 18.39 17.17 -16.21
CA GLU A 423 17.85 18.28 -17.00
C GLU A 423 17.30 17.85 -18.35
N ASN A 424 17.53 16.60 -18.76
CA ASN A 424 17.11 16.15 -20.08
C ASN A 424 15.66 15.68 -20.07
N VAL A 425 14.87 16.16 -21.04
CA VAL A 425 13.44 15.89 -21.02
C VAL A 425 13.15 14.39 -21.10
N ASN A 426 13.92 13.66 -21.91
CA ASN A 426 13.69 12.22 -22.11
C ASN A 426 14.17 11.41 -20.92
N LEU A 427 15.44 11.59 -20.53
CA LEU A 427 16.05 10.72 -19.54
C LEU A 427 15.22 10.69 -18.25
N ALA A 428 14.78 11.86 -17.79
CA ALA A 428 13.99 11.92 -16.57
C ALA A 428 12.69 11.13 -16.69
N LEU A 429 11.97 11.35 -17.80
CA LEU A 429 10.67 10.70 -18.00
C LEU A 429 10.78 9.25 -18.44
N ASP A 430 11.94 8.83 -18.93
CA ASP A 430 12.13 7.42 -19.23
C ASP A 430 12.63 6.62 -18.02
N LEU A 431 13.42 7.25 -17.13
CA LEU A 431 13.89 6.56 -15.93
C LEU A 431 12.75 6.35 -14.93
N ALA A 432 11.90 7.36 -14.76
CA ALA A 432 10.92 7.33 -13.67
C ALA A 432 10.05 6.08 -13.69
N PRO A 433 9.33 5.77 -14.77
CA PRO A 433 8.43 4.60 -14.72
C PRO A 433 9.14 3.28 -14.49
N LYS A 434 10.45 3.21 -14.72
CA LYS A 434 11.15 1.93 -14.56
C LYS A 434 11.48 1.63 -13.11
N LEU A 435 11.43 2.63 -12.24
CA LEU A 435 11.73 2.46 -10.83
C LEU A 435 10.51 1.90 -10.09
N VAL A 436 10.75 0.91 -9.23
CA VAL A 436 9.68 0.25 -8.50
C VAL A 436 9.37 1.08 -7.25
N ALA A 437 8.24 1.79 -7.28
CA ALA A 437 7.84 2.73 -6.23
C ALA A 437 6.39 3.12 -6.44
N GLY A 438 5.77 3.64 -5.39
CA GLY A 438 4.48 4.29 -5.53
C GLY A 438 4.57 5.76 -5.90
N ILE A 439 5.74 6.37 -5.71
CA ILE A 439 5.97 7.78 -5.99
C ILE A 439 7.34 7.95 -6.62
N VAL A 440 7.42 8.80 -7.65
CA VAL A 440 8.72 9.18 -8.21
C VAL A 440 8.69 10.68 -8.45
N TRP A 441 9.63 11.40 -7.82
CA TRP A 441 9.79 12.84 -8.00
C TRP A 441 10.89 13.13 -9.02
N ILE A 442 10.56 13.94 -10.02
CA ILE A 442 11.51 14.38 -11.01
C ILE A 442 11.99 15.78 -10.63
N ASN A 443 13.30 15.92 -10.43
CA ASN A 443 13.92 17.20 -10.08
C ASN A 443 13.31 17.81 -8.82
N GLY A 444 13.01 16.96 -7.85
CA GLY A 444 12.62 17.37 -6.52
C GLY A 444 12.58 16.13 -5.65
N THR A 445 12.21 16.34 -4.38
CA THR A 445 11.98 15.22 -3.49
C THR A 445 11.04 15.65 -2.38
N ASN A 446 10.39 14.66 -1.77
CA ASN A 446 9.49 14.85 -0.63
C ASN A 446 8.38 15.87 -0.93
N MET A 447 7.91 15.86 -2.18
CA MET A 447 6.75 16.67 -2.53
C MET A 447 5.48 15.92 -2.14
N MET A 448 4.62 16.56 -1.35
CA MET A 448 3.42 15.95 -0.82
C MET A 448 2.23 16.88 -1.04
N ASP A 449 1.11 16.30 -1.46
CA ASP A 449 -0.15 17.04 -1.53
C ASP A 449 -1.33 16.11 -1.31
N ALA A 450 -2.35 16.65 -0.63
CA ALA A 450 -3.57 15.90 -0.30
C ALA A 450 -4.25 15.28 -1.52
N ALA A 451 -4.10 15.87 -2.72
CA ALA A 451 -4.71 15.30 -3.91
C ALA A 451 -3.85 14.22 -4.56
N ALA A 452 -2.61 14.02 -4.11
CA ALA A 452 -1.68 13.10 -4.75
C ALA A 452 -1.51 11.84 -3.93
N PRO A 453 -1.85 10.66 -4.47
CA PRO A 453 -1.73 9.43 -3.66
C PRO A 453 -0.29 9.03 -3.38
N PHE A 454 -0.07 8.44 -2.20
CA PHE A 454 1.24 7.97 -1.80
C PHE A 454 1.07 6.66 -1.04
N GLY A 455 2.05 5.79 -1.19
CA GLY A 455 1.97 4.44 -0.65
C GLY A 455 2.96 3.53 -1.37
N GLY A 456 3.12 2.33 -0.84
CA GLY A 456 4.21 1.46 -1.23
C GLY A 456 3.80 0.25 -2.07
N VAL A 457 4.83 -0.43 -2.59
CA VAL A 457 4.75 -1.78 -3.12
C VAL A 457 5.77 -2.63 -2.37
N ARG A 458 5.86 -3.90 -2.74
CA ARG A 458 6.76 -4.84 -2.09
C ARG A 458 6.61 -4.79 -0.57
N GLU A 459 7.72 -4.84 0.15
CA GLU A 459 7.66 -4.80 1.61
C GLU A 459 7.43 -3.40 2.19
N SER A 460 7.29 -2.38 1.34
CA SER A 460 6.78 -1.09 1.81
C SER A 460 5.26 -1.13 2.04
N GLY A 461 4.61 -2.28 1.81
CA GLY A 461 3.21 -2.47 2.15
C GLY A 461 2.27 -2.41 0.96
N PHE A 462 1.07 -1.85 1.19
CA PHE A 462 0.09 -1.74 0.13
C PHE A 462 -0.96 -0.75 0.58
N GLY A 463 -1.70 -0.19 -0.39
CA GLY A 463 -2.67 0.86 -0.16
C GLY A 463 -2.12 2.24 -0.49
N ARG A 464 -3.03 3.18 -0.72
CA ARG A 464 -2.68 4.56 -1.08
C ARG A 464 -3.42 5.54 -0.19
N GLU A 465 -2.76 6.64 0.15
CA GLU A 465 -3.36 7.69 0.95
C GLU A 465 -3.32 8.99 0.17
N GLY A 466 -4.43 9.70 0.14
CA GLY A 466 -4.54 10.92 -0.63
C GLY A 466 -5.32 10.72 -1.94
N GLY A 467 -5.94 11.81 -2.40
CA GLY A 467 -6.62 11.81 -3.67
C GLY A 467 -7.87 10.97 -3.73
N TRP A 468 -8.59 11.07 -4.86
CA TRP A 468 -9.68 10.16 -5.16
C TRP A 468 -9.27 8.71 -4.98
N GLU A 469 -8.03 8.38 -5.37
CA GLU A 469 -7.52 7.01 -5.27
C GLU A 469 -7.53 6.50 -3.84
N GLY A 470 -7.22 7.37 -2.87
CA GLY A 470 -7.18 6.95 -1.47
C GLY A 470 -8.54 6.61 -0.89
N LEU A 471 -9.61 7.10 -1.50
CA LEU A 471 -10.94 6.89 -0.92
C LEU A 471 -11.38 5.44 -1.02
N ALA A 472 -10.85 4.71 -2.02
CA ALA A 472 -11.25 3.32 -2.22
C ALA A 472 -10.96 2.49 -0.98
N GLY A 473 -9.81 2.72 -0.34
CA GLY A 473 -9.49 2.02 0.89
C GLY A 473 -10.33 2.38 2.09
N TYR A 474 -11.23 3.36 1.96
CA TYR A 474 -12.10 3.72 3.08
C TYR A 474 -13.57 3.54 2.72
N THR A 475 -13.86 2.72 1.70
CA THR A 475 -15.23 2.44 1.27
C THR A 475 -15.35 0.98 0.87
N ARG A 476 -16.60 0.53 0.80
CA ARG A 476 -16.98 -0.75 0.22
C ARG A 476 -18.04 -0.49 -0.83
N PRO A 477 -18.34 -1.45 -1.70
CA PRO A 477 -19.48 -1.28 -2.62
C PRO A 477 -20.79 -1.14 -1.86
N ALA A 478 -21.65 -0.26 -2.36
CA ALA A 478 -22.91 0.04 -1.67
C ALA A 478 -23.82 -1.19 -1.63
N ILE A 479 -23.79 -2.00 -2.68
CA ILE A 479 -24.54 -3.24 -2.73
C ILE A 479 -23.56 -4.38 -2.57
N ALA A 480 -23.72 -5.15 -1.50
CA ALA A 480 -22.83 -6.27 -1.23
C ALA A 480 -23.09 -7.43 -2.19
N THR A 481 -22.03 -8.11 -2.58
CA THR A 481 -22.13 -9.39 -3.26
C THR A 481 -21.71 -10.49 -2.30
N LYS A 482 -21.94 -11.73 -2.71
CA LYS A 482 -21.73 -12.89 -1.85
C LYS A 482 -21.14 -14.02 -2.68
N SER A 483 -19.98 -14.51 -2.26
CA SER A 483 -19.36 -15.65 -2.93
C SER A 483 -20.27 -16.86 -2.84
N PRO A 484 -20.44 -17.62 -3.92
CA PRO A 484 -21.27 -18.82 -3.87
C PRO A 484 -20.66 -19.87 -2.96
N ALA A 485 -21.52 -20.68 -2.37
CA ALA A 485 -21.07 -21.75 -1.48
C ALA A 485 -20.27 -22.78 -2.26
N ALA A 486 -19.37 -23.47 -1.55
CA ALA A 486 -18.56 -24.51 -2.18
C ALA A 486 -19.46 -25.62 -2.74
N VAL A 487 -18.99 -26.27 -3.79
CA VAL A 487 -19.72 -27.40 -4.37
C VAL A 487 -18.81 -28.61 -4.34
N ALA A 488 -19.34 -29.72 -3.83
CA ALA A 488 -18.58 -30.96 -3.73
C ALA A 488 -18.53 -31.63 -5.09
N ALA A 489 -17.35 -32.14 -5.46
CA ALA A 489 -17.20 -32.88 -6.70
C ALA A 489 -18.09 -34.12 -6.71
N TYR A 490 -18.68 -34.41 -7.88
CA TYR A 490 -19.52 -35.59 -8.00
C TYR A 490 -18.67 -36.86 -7.96
N THR A 491 -19.28 -37.93 -7.47
CA THR A 491 -18.65 -39.24 -7.35
C THR A 491 -19.23 -40.19 -8.38
N GLY A 492 -18.60 -41.36 -8.50
CA GLY A 492 -18.97 -42.33 -9.52
C GLY A 492 -18.33 -43.67 -9.21
N ASP A 493 -18.75 -44.67 -9.99
CA ASP A 493 -18.45 -46.06 -9.65
C ASP A 493 -16.95 -46.34 -9.65
N GLY A 494 -16.25 -45.95 -10.70
CA GLY A 494 -14.81 -46.14 -10.76
C GLY A 494 -14.33 -47.19 -11.75
N ALA A 495 -15.03 -47.35 -12.87
CA ALA A 495 -14.55 -48.20 -13.95
C ALA A 495 -13.58 -47.43 -14.84
N ALA A 496 -12.68 -48.16 -15.50
CA ALA A 496 -11.59 -47.55 -16.23
C ALA A 496 -12.06 -46.96 -17.56
N ASP A 497 -11.33 -45.95 -18.03
CA ASP A 497 -11.64 -45.23 -19.27
C ASP A 497 -10.83 -45.84 -20.41
N GLY A 498 -11.52 -46.54 -21.32
CA GLY A 498 -10.88 -47.08 -22.51
C GLY A 498 -10.43 -46.05 -23.53
N LEU A 499 -10.88 -44.81 -23.39
CA LEU A 499 -10.46 -43.70 -24.23
C LEU A 499 -9.50 -42.79 -23.47
N ASP A 500 -8.76 -41.97 -24.23
CA ASP A 500 -7.76 -41.06 -23.68
C ASP A 500 -8.44 -39.73 -23.39
N ARG A 501 -8.78 -39.51 -22.12
CA ARG A 501 -9.46 -38.28 -21.70
C ARG A 501 -8.89 -37.79 -20.37
N THR A 502 -7.56 -37.68 -20.30
CA THR A 502 -6.87 -37.17 -19.12
C THR A 502 -6.29 -35.81 -19.45
N ALA A 503 -6.90 -34.77 -18.88
CA ALA A 503 -6.41 -33.40 -19.06
C ALA A 503 -5.12 -33.18 -18.27
N LYS A 504 -4.34 -32.18 -18.71
CA LYS A 504 -3.05 -31.81 -18.15
C LYS A 504 -3.16 -30.44 -17.49
N LEU A 505 -2.01 -29.81 -17.26
CA LEU A 505 -1.92 -28.41 -16.89
C LEU A 505 -1.46 -27.59 -18.09
N TYR A 506 -1.55 -26.27 -17.96
CA TYR A 506 -1.14 -25.35 -19.02
C TYR A 506 -0.14 -24.36 -18.44
N ILE A 507 1.13 -24.52 -18.82
CA ILE A 507 2.21 -23.76 -18.20
C ILE A 507 3.19 -23.31 -19.28
N GLY A 508 3.50 -22.01 -19.28
CA GLY A 508 4.47 -21.48 -20.25
C GLY A 508 4.14 -21.78 -21.69
N GLY A 509 2.88 -21.64 -22.08
CA GLY A 509 2.50 -21.78 -23.47
C GLY A 509 2.32 -23.19 -23.96
N LYS A 510 2.52 -24.19 -23.11
CA LYS A 510 2.33 -25.57 -23.54
C LYS A 510 1.79 -26.43 -22.41
N GLN A 511 1.18 -27.55 -22.78
CA GLN A 511 0.52 -28.44 -21.84
C GLN A 511 1.57 -29.33 -21.16
N THR A 512 1.45 -29.46 -19.83
CA THR A 512 2.48 -30.09 -19.02
C THR A 512 1.86 -31.10 -18.07
N ARG A 513 2.44 -32.28 -18.00
CA ARG A 513 2.04 -33.26 -17.01
C ARG A 513 2.26 -32.71 -15.60
N PRO A 514 1.41 -33.07 -14.65
CA PRO A 514 1.63 -32.67 -13.25
C PRO A 514 2.87 -33.35 -12.69
N ASP A 515 3.71 -32.55 -12.02
CA ASP A 515 4.95 -33.09 -11.47
C ASP A 515 4.69 -34.34 -10.63
N GLY A 516 3.63 -34.33 -9.82
CA GLY A 516 3.29 -35.44 -8.96
C GLY A 516 2.66 -36.64 -9.63
N GLY A 517 2.30 -36.55 -10.92
CA GLY A 517 1.86 -37.71 -11.67
C GLY A 517 0.43 -38.15 -11.46
N TYR A 518 -0.33 -37.51 -10.58
CA TYR A 518 -1.65 -37.97 -10.20
C TYR A 518 -2.74 -37.18 -10.92
N SER A 519 -3.88 -37.85 -11.14
CA SER A 519 -5.05 -37.18 -11.64
C SER A 519 -6.27 -37.86 -11.03
N ARG A 520 -7.39 -37.16 -11.02
CA ARG A 520 -8.62 -37.69 -10.46
C ARG A 520 -9.67 -37.81 -11.55
N ALA A 521 -10.52 -38.82 -11.41
CA ALA A 521 -11.66 -38.97 -12.30
C ALA A 521 -12.70 -37.89 -12.00
N VAL A 522 -13.32 -37.38 -13.06
CA VAL A 522 -14.38 -36.39 -12.96
C VAL A 522 -15.68 -37.04 -13.42
N TYR A 523 -16.71 -36.99 -12.58
CA TYR A 523 -17.97 -37.62 -12.91
C TYR A 523 -19.05 -36.56 -13.01
N GLY A 524 -20.03 -36.80 -13.89
CA GLY A 524 -21.17 -35.93 -13.97
C GLY A 524 -22.15 -36.17 -12.84
N PRO A 525 -23.26 -35.42 -12.88
CA PRO A 525 -24.27 -35.52 -11.81
C PRO A 525 -24.79 -36.93 -11.54
N LYS A 526 -24.86 -37.80 -12.56
CA LYS A 526 -25.36 -39.15 -12.38
C LYS A 526 -24.27 -40.22 -12.34
N GLY A 527 -23.01 -39.83 -12.15
CA GLY A 527 -21.92 -40.78 -12.03
C GLY A 527 -21.31 -41.24 -13.33
N LYS A 528 -21.64 -40.62 -14.46
CA LYS A 528 -20.96 -40.90 -15.70
C LYS A 528 -19.55 -40.35 -15.65
N LEU A 529 -18.56 -41.19 -15.97
CA LEU A 529 -17.18 -40.75 -16.03
C LEU A 529 -16.99 -39.82 -17.24
N LEU A 530 -16.61 -38.58 -16.97
CA LEU A 530 -16.43 -37.58 -18.02
C LEU A 530 -14.99 -37.45 -18.48
N GLY A 531 -14.03 -37.89 -17.67
CA GLY A 531 -12.63 -37.71 -17.98
C GLY A 531 -11.82 -37.62 -16.69
N HIS A 532 -10.60 -37.11 -16.84
CA HIS A 532 -9.65 -37.02 -15.73
C HIS A 532 -8.97 -35.66 -15.74
N ALA A 533 -8.61 -35.18 -14.55
CA ALA A 533 -7.97 -33.88 -14.40
C ALA A 533 -6.77 -34.00 -13.46
N SER A 534 -5.68 -33.33 -13.81
CA SER A 534 -4.44 -33.47 -13.06
C SER A 534 -4.54 -32.81 -11.70
N LEU A 535 -3.67 -33.25 -10.77
CA LEU A 535 -3.58 -32.70 -9.41
C LEU A 535 -2.25 -31.97 -9.26
N SER A 536 -2.27 -30.64 -9.37
CA SER A 536 -1.05 -29.84 -9.27
C SER A 536 -0.48 -29.90 -7.86
N ASN A 537 0.84 -29.65 -7.77
CA ASN A 537 1.57 -29.56 -6.51
C ASN A 537 2.47 -28.33 -6.55
N ARG A 538 3.31 -28.14 -5.52
CA ARG A 538 4.13 -26.94 -5.41
C ARG A 538 5.15 -26.82 -6.54
N LYS A 539 5.68 -27.95 -7.02
CA LYS A 539 6.61 -27.92 -8.15
C LYS A 539 5.93 -27.41 -9.41
N ASP A 540 4.66 -27.76 -9.63
CA ASP A 540 3.92 -27.22 -10.77
C ASP A 540 3.74 -25.72 -10.62
N LEU A 541 3.37 -25.24 -9.43
CA LEU A 541 3.23 -23.80 -9.23
C LEU A 541 4.56 -23.09 -9.50
N ARG A 542 5.67 -23.68 -9.04
CA ARG A 542 6.96 -23.01 -9.22
C ARG A 542 7.32 -22.93 -10.69
N ASN A 543 7.00 -23.97 -11.47
CA ASN A 543 7.17 -23.90 -12.91
C ASN A 543 6.31 -22.78 -13.50
N ALA A 544 5.08 -22.60 -12.98
CA ALA A 544 4.22 -21.53 -13.46
C ALA A 544 4.84 -20.17 -13.18
N VAL A 545 5.42 -20.00 -11.98
CA VAL A 545 5.98 -18.69 -11.63
C VAL A 545 7.16 -18.36 -12.53
N GLU A 546 8.06 -19.33 -12.76
CA GLU A 546 9.14 -19.13 -13.72
C GLU A 546 8.61 -18.79 -15.11
N ALA A 547 7.46 -19.37 -15.50
CA ALA A 547 6.91 -19.06 -16.82
C ALA A 547 6.43 -17.61 -16.87
N MET A 548 5.82 -17.14 -15.79
CA MET A 548 5.43 -15.73 -15.69
C MET A 548 6.65 -14.79 -15.62
N ASN A 549 7.74 -15.22 -14.98
CA ASN A 549 8.94 -14.39 -14.98
C ASN A 549 9.49 -14.24 -16.39
N ALA A 550 9.45 -15.31 -17.19
CA ALA A 550 9.91 -15.20 -18.56
C ALA A 550 8.98 -14.33 -19.40
N ALA A 551 7.73 -14.12 -18.97
CA ALA A 551 6.77 -13.35 -19.72
C ALA A 551 6.68 -11.91 -19.23
N SER A 552 7.78 -11.38 -18.67
CA SER A 552 7.74 -10.03 -18.12
C SER A 552 7.45 -9.01 -19.21
N GLY A 553 7.87 -9.29 -20.46
CA GLY A 553 7.56 -8.39 -21.57
C GLY A 553 6.09 -8.03 -21.72
N TRP A 554 5.19 -8.93 -21.31
CA TRP A 554 3.76 -8.64 -21.41
C TRP A 554 3.36 -7.41 -20.60
N SER A 555 4.07 -7.15 -19.50
CA SER A 555 3.78 -5.97 -18.69
C SER A 555 4.24 -4.69 -19.36
N ARG A 556 4.99 -4.75 -20.45
CA ARG A 556 5.44 -3.55 -21.14
C ARG A 556 4.81 -3.38 -22.52
N THR A 557 3.77 -4.15 -22.84
CA THR A 557 3.10 -4.05 -24.14
C THR A 557 2.13 -2.87 -24.14
N THR A 558 1.70 -2.47 -25.32
CA THR A 558 0.68 -1.44 -25.44
C THR A 558 -0.67 -2.01 -24.99
N GLY A 559 -1.57 -1.09 -24.58
CA GLY A 559 -2.95 -1.49 -24.35
C GLY A 559 -3.60 -2.06 -25.60
N HIS A 560 -3.19 -1.57 -26.77
CA HIS A 560 -3.79 -2.01 -28.03
C HIS A 560 -3.46 -3.48 -28.32
N LEU A 561 -2.18 -3.86 -28.17
CA LEU A 561 -1.79 -5.27 -28.31
C LEU A 561 -2.62 -6.16 -27.40
N ARG A 562 -2.76 -5.75 -26.13
CA ARG A 562 -3.46 -6.63 -25.20
C ARG A 562 -4.93 -6.73 -25.55
N ALA A 563 -5.54 -5.62 -26.02
CA ALA A 563 -6.93 -5.65 -26.47
C ALA A 563 -7.12 -6.65 -27.60
N GLN A 564 -6.25 -6.59 -28.62
CA GLN A 564 -6.34 -7.53 -29.74
C GLN A 564 -6.32 -8.96 -29.26
N ILE A 565 -5.44 -9.26 -28.30
CA ILE A 565 -5.35 -10.63 -27.79
C ILE A 565 -6.67 -11.03 -27.16
N LEU A 566 -7.19 -10.19 -26.27
CA LEU A 566 -8.46 -10.49 -25.61
C LEU A 566 -9.59 -10.61 -26.62
N TYR A 567 -9.60 -9.76 -27.66
CA TYR A 567 -10.61 -9.95 -28.70
C TYR A 567 -10.49 -11.32 -29.35
N PHE A 568 -9.26 -11.79 -29.61
CA PHE A 568 -9.09 -13.12 -30.18
C PHE A 568 -9.66 -14.19 -29.24
N ILE A 569 -9.31 -14.11 -27.96
CA ILE A 569 -9.82 -15.10 -27.02
C ILE A 569 -11.35 -15.09 -27.05
N GLY A 570 -11.94 -13.89 -27.08
CA GLY A 570 -13.40 -13.81 -27.13
C GLY A 570 -13.95 -14.43 -28.39
N GLU A 571 -13.30 -14.17 -29.55
CA GLU A 571 -13.75 -14.74 -30.82
C GLU A 571 -13.64 -16.26 -30.82
N ASN A 572 -12.52 -16.78 -30.31
CA ASN A 572 -12.31 -18.22 -30.41
C ASN A 572 -13.15 -18.99 -29.39
N LEU A 573 -13.48 -18.37 -28.25
CA LEU A 573 -14.49 -18.96 -27.37
C LEU A 573 -15.84 -19.03 -28.07
N SER A 574 -16.22 -17.95 -28.79
CA SER A 574 -17.50 -17.94 -29.50
C SER A 574 -17.58 -19.07 -30.52
N ALA A 575 -16.47 -19.37 -31.19
CA ALA A 575 -16.50 -20.42 -32.20
C ALA A 575 -16.83 -21.78 -31.58
N ARG A 576 -16.42 -22.00 -30.32
CA ARG A 576 -16.67 -23.25 -29.64
C ARG A 576 -17.76 -23.13 -28.58
N ALA A 577 -18.64 -22.12 -28.70
CA ALA A 577 -19.57 -21.81 -27.60
C ALA A 577 -20.51 -22.97 -27.29
N ASP A 578 -20.96 -23.70 -28.31
CA ASP A 578 -21.84 -24.83 -28.08
C ASP A 578 -21.12 -25.94 -27.36
N GLU A 579 -19.90 -26.26 -27.81
CA GLU A 579 -19.10 -27.27 -27.13
C GLU A 579 -18.88 -26.93 -25.66
N PHE A 580 -18.56 -25.67 -25.36
CA PHE A 580 -18.32 -25.31 -23.96
C PHE A 580 -19.60 -25.43 -23.13
N ALA A 581 -20.74 -25.02 -23.68
CA ALA A 581 -22.00 -25.12 -22.94
C ALA A 581 -22.33 -26.57 -22.61
N ASN A 582 -22.10 -27.48 -23.56
CA ASN A 582 -22.36 -28.90 -23.30
C ASN A 582 -21.37 -29.48 -22.29
N ARG A 583 -20.12 -29.01 -22.29
CA ARG A 583 -19.21 -29.48 -21.27
C ARG A 583 -19.66 -29.02 -19.88
N ILE A 584 -20.10 -27.76 -19.75
CA ILE A 584 -20.63 -27.29 -18.49
C ILE A 584 -21.84 -28.13 -18.08
N LYS A 585 -22.72 -28.42 -19.04
CA LYS A 585 -23.90 -29.22 -18.75
C LYS A 585 -23.53 -30.64 -18.34
N ASP A 586 -22.54 -31.25 -19.01
CA ASP A 586 -22.07 -32.57 -18.62
C ASP A 586 -21.64 -32.61 -17.16
N MET A 587 -20.92 -31.56 -16.71
CA MET A 587 -20.37 -31.58 -15.35
C MET A 587 -21.41 -31.23 -14.31
N THR A 588 -22.26 -30.24 -14.57
CA THR A 588 -23.13 -29.72 -13.52
C THR A 588 -24.58 -30.14 -13.65
N GLY A 589 -25.00 -30.67 -14.79
CA GLY A 589 -26.39 -30.95 -15.01
C GLY A 589 -27.24 -29.76 -15.38
N LYS A 590 -26.67 -28.56 -15.39
CA LYS A 590 -27.38 -27.35 -15.73
C LYS A 590 -26.97 -26.87 -17.11
N ASP A 591 -27.90 -26.22 -17.81
CA ASP A 591 -27.59 -25.69 -19.13
C ASP A 591 -26.50 -24.61 -19.03
N GLY A 592 -25.50 -24.70 -19.89
CA GLY A 592 -24.36 -23.81 -19.83
C GLY A 592 -24.35 -22.65 -20.81
N LYS A 593 -25.40 -22.47 -21.62
CA LYS A 593 -25.38 -21.43 -22.65
C LYS A 593 -25.23 -20.04 -22.05
N ALA A 594 -25.95 -19.75 -20.98
CA ALA A 594 -25.90 -18.40 -20.42
C ALA A 594 -24.53 -18.12 -19.82
N GLU A 595 -23.93 -19.11 -19.16
CA GLU A 595 -22.58 -18.95 -18.63
C GLU A 595 -21.56 -18.72 -19.73
N VAL A 596 -21.72 -19.38 -20.88
CA VAL A 596 -20.80 -19.16 -22.00
C VAL A 596 -20.98 -17.78 -22.59
N ALA A 597 -22.23 -17.37 -22.85
CA ALA A 597 -22.46 -16.03 -23.36
C ALA A 597 -21.90 -14.96 -22.42
N ALA A 598 -22.01 -15.17 -21.10
CA ALA A 598 -21.45 -14.19 -20.17
C ALA A 598 -19.93 -14.25 -20.14
N SER A 599 -19.34 -15.43 -20.36
CA SER A 599 -17.89 -15.51 -20.38
C SER A 599 -17.32 -14.79 -21.59
N ILE A 600 -18.00 -14.92 -22.73
CA ILE A 600 -17.65 -14.16 -23.93
C ILE A 600 -17.72 -12.66 -23.63
N ASP A 601 -18.81 -12.24 -22.99
CA ASP A 601 -19.01 -10.83 -22.69
C ASP A 601 -17.88 -10.28 -21.82
N ARG A 602 -17.51 -11.01 -20.74
CA ARG A 602 -16.44 -10.56 -19.85
C ARG A 602 -15.14 -10.36 -20.60
N LEU A 603 -14.86 -11.22 -21.59
CA LEU A 603 -13.67 -11.04 -22.41
C LEU A 603 -13.75 -9.77 -23.24
N PHE A 604 -14.91 -9.54 -23.87
CA PHE A 604 -15.05 -8.34 -24.68
C PHE A 604 -15.01 -7.08 -23.82
N SER A 605 -15.52 -7.14 -22.58
CA SER A 605 -15.41 -6.00 -21.67
C SER A 605 -13.96 -5.74 -21.31
N ALA A 606 -13.19 -6.79 -21.02
CA ALA A 606 -11.78 -6.62 -20.69
C ALA A 606 -10.97 -6.14 -21.88
N ALA A 607 -11.23 -6.69 -23.07
CA ALA A 607 -10.61 -6.15 -24.27
C ALA A 607 -10.89 -4.67 -24.40
N ALA A 608 -12.15 -4.28 -24.17
CA ALA A 608 -12.54 -2.87 -24.21
C ALA A 608 -11.66 -2.04 -23.28
N TRP A 609 -11.45 -2.52 -22.05
CA TRP A 609 -10.79 -1.74 -21.02
C TRP A 609 -9.28 -1.68 -21.18
N ALA A 610 -8.71 -2.56 -22.00
CA ALA A 610 -7.26 -2.77 -21.95
C ALA A 610 -6.48 -1.49 -22.29
N ASP A 611 -7.00 -0.67 -23.20
CA ASP A 611 -6.36 0.58 -23.59
C ASP A 611 -7.17 1.79 -23.15
N LYS A 612 -7.92 1.68 -22.06
CA LYS A 612 -8.83 2.77 -21.67
C LYS A 612 -8.87 3.03 -20.18
N TYR A 613 -8.00 2.42 -19.38
CA TYR A 613 -7.98 2.64 -17.92
C TYR A 613 -6.97 3.74 -17.63
N ASP A 614 -7.45 4.98 -17.56
CA ASP A 614 -6.58 6.15 -17.63
C ASP A 614 -6.01 6.51 -16.26
N GLY A 615 -4.76 6.97 -16.26
CA GLY A 615 -4.23 7.65 -15.12
C GLY A 615 -4.85 9.03 -14.97
N GLN A 616 -4.67 9.60 -13.78
CA GLN A 616 -5.27 10.88 -13.43
C GLN A 616 -4.17 11.93 -13.26
N VAL A 617 -4.39 13.11 -13.83
CA VAL A 617 -3.51 14.26 -13.66
C VAL A 617 -4.06 15.11 -12.52
N LYS A 618 -3.27 15.28 -11.46
CA LYS A 618 -3.63 16.09 -10.30
C LYS A 618 -3.04 17.51 -10.40
N GLY A 619 -3.89 18.52 -10.31
CA GLY A 619 -3.40 19.84 -9.95
C GLY A 619 -2.90 19.85 -8.50
N VAL A 620 -1.77 20.53 -8.28
CA VAL A 620 -1.21 20.65 -6.93
C VAL A 620 -0.74 22.08 -6.70
N PRO A 621 -0.78 22.53 -5.44
CA PRO A 621 -0.30 23.88 -5.12
C PRO A 621 1.20 24.05 -5.30
N LEU A 622 1.96 22.97 -5.46
CA LEU A 622 3.40 23.02 -5.62
C LEU A 622 3.76 23.16 -7.11
N ARG A 623 5.06 23.14 -7.41
CA ARG A 623 5.54 23.11 -8.78
C ARG A 623 4.96 21.92 -9.55
N GLY A 624 4.40 22.19 -10.72
CA GLY A 624 4.06 21.11 -11.64
C GLY A 624 2.73 20.43 -11.34
N VAL A 625 2.66 19.16 -11.74
CA VAL A 625 1.49 18.31 -11.60
C VAL A 625 1.94 16.95 -11.12
N ALA A 626 1.01 16.23 -10.48
CA ALA A 626 1.21 14.85 -10.06
C ALA A 626 0.45 13.95 -11.02
N LEU A 627 1.18 13.07 -11.70
CA LEU A 627 0.61 12.11 -12.64
C LEU A 627 0.35 10.81 -11.90
N ALA A 628 -0.91 10.51 -11.62
CA ALA A 628 -1.25 9.30 -10.87
C ALA A 628 -1.51 8.19 -11.89
N MET A 629 -0.43 7.53 -12.30
CA MET A 629 -0.45 6.50 -13.33
C MET A 629 -1.00 5.18 -12.81
N LYS A 630 -1.64 4.44 -13.72
CA LYS A 630 -1.97 3.04 -13.44
C LYS A 630 -0.86 2.16 -13.99
N GLU A 631 -0.55 1.11 -13.24
CA GLU A 631 0.53 0.20 -13.58
C GLU A 631 0.09 -1.21 -13.26
N PRO A 632 0.63 -2.21 -13.94
CA PRO A 632 0.32 -3.59 -13.58
C PRO A 632 0.84 -3.93 -12.20
N VAL A 633 0.06 -4.75 -11.49
CA VAL A 633 0.55 -5.33 -10.24
C VAL A 633 1.74 -6.25 -10.51
N GLY A 634 1.69 -7.04 -11.58
CA GLY A 634 2.78 -7.92 -11.94
C GLY A 634 2.34 -9.36 -12.16
N LYS A 635 2.70 -10.24 -11.25
CA LYS A 635 2.34 -11.65 -11.32
C LYS A 635 1.31 -11.93 -10.24
N ILE A 636 0.22 -12.60 -10.61
CA ILE A 636 -0.91 -12.80 -9.70
C ILE A 636 -1.30 -14.27 -9.71
N GLY A 637 -1.42 -14.87 -8.53
CA GLY A 637 -1.94 -16.22 -8.39
C GLY A 637 -3.40 -16.14 -7.96
N ILE A 638 -4.25 -16.91 -8.64
CA ILE A 638 -5.70 -16.80 -8.53
C ILE A 638 -6.30 -18.16 -8.28
N LEU A 639 -7.17 -18.26 -7.29
CA LEU A 639 -7.91 -19.48 -7.00
C LEU A 639 -9.37 -19.20 -7.30
N CYS A 640 -9.92 -19.91 -8.30
CA CYS A 640 -11.28 -19.78 -8.81
C CYS A 640 -12.28 -20.56 -7.94
N PRO A 641 -13.54 -20.13 -7.92
CA PRO A 641 -14.57 -20.85 -7.14
C PRO A 641 -14.99 -22.14 -7.82
N ASP A 642 -15.63 -23.02 -7.03
CA ASP A 642 -16.24 -24.22 -7.61
C ASP A 642 -17.26 -23.85 -8.66
N ALA A 643 -18.23 -23.02 -8.27
CA ALA A 643 -19.28 -22.62 -9.18
C ALA A 643 -18.68 -21.87 -10.38
N ALA A 644 -19.41 -21.93 -11.49
CA ALA A 644 -19.09 -21.25 -12.73
C ALA A 644 -17.77 -21.80 -13.25
N PRO A 645 -17.76 -23.05 -13.71
CA PRO A 645 -16.50 -23.67 -14.16
C PRO A 645 -15.74 -22.86 -15.18
N LEU A 646 -16.45 -22.19 -16.10
CA LEU A 646 -15.82 -21.35 -17.10
C LEU A 646 -15.91 -19.88 -16.73
N LEU A 647 -17.09 -19.41 -16.32
CA LEU A 647 -17.27 -17.99 -16.03
C LEU A 647 -16.33 -17.52 -14.93
N GLY A 648 -16.12 -18.34 -13.91
CA GLY A 648 -15.26 -17.90 -12.81
C GLY A 648 -13.84 -17.68 -13.26
N LEU A 649 -13.30 -18.63 -14.04
CA LEU A 649 -11.95 -18.53 -14.55
C LEU A 649 -11.78 -17.32 -15.48
N VAL A 650 -12.67 -17.19 -16.47
CA VAL A 650 -12.54 -16.13 -17.46
C VAL A 650 -12.75 -14.76 -16.82
N SER A 651 -13.73 -14.64 -15.91
CA SER A 651 -14.01 -13.35 -15.29
C SER A 651 -12.82 -12.82 -14.49
N LEU A 652 -12.04 -13.72 -13.91
CA LEU A 652 -10.87 -13.30 -13.14
C LEU A 652 -9.67 -13.11 -14.06
N MET A 653 -9.47 -14.04 -15.00
CA MET A 653 -8.30 -14.01 -15.86
C MET A 653 -8.28 -12.76 -16.74
N ALA A 654 -9.44 -12.42 -17.33
CA ALA A 654 -9.44 -11.44 -18.42
C ALA A 654 -9.12 -10.01 -17.98
N PRO A 655 -9.74 -9.45 -16.94
CA PRO A 655 -9.33 -8.10 -16.52
C PRO A 655 -7.90 -8.05 -16.01
N ALA A 656 -7.42 -9.15 -15.42
CA ALA A 656 -6.03 -9.22 -14.95
C ALA A 656 -5.05 -9.02 -16.11
N ILE A 657 -5.21 -9.78 -17.19
CA ILE A 657 -4.25 -9.62 -18.29
C ILE A 657 -4.55 -8.39 -19.14
N ALA A 658 -5.80 -7.90 -19.17
CA ALA A 658 -6.07 -6.63 -19.85
C ALA A 658 -5.17 -5.53 -19.32
N MET A 659 -4.90 -5.53 -18.01
CA MET A 659 -4.14 -4.49 -17.33
C MET A 659 -2.65 -4.76 -17.28
N GLY A 660 -2.17 -5.81 -17.94
CA GLY A 660 -0.75 -6.05 -18.05
C GLY A 660 -0.18 -7.08 -17.09
N ASN A 661 -1.01 -7.81 -16.38
CA ASN A 661 -0.50 -8.80 -15.45
C ASN A 661 -0.34 -10.14 -16.13
N ARG A 662 0.53 -10.97 -15.55
CA ARG A 662 0.59 -12.39 -15.85
C ARG A 662 -0.05 -13.12 -14.69
N VAL A 663 -0.74 -14.24 -14.99
CA VAL A 663 -1.55 -14.91 -13.99
C VAL A 663 -1.34 -16.42 -14.06
N THR A 664 -1.46 -17.05 -12.90
CA THR A 664 -1.64 -18.49 -12.77
C THR A 664 -2.95 -18.70 -12.02
N LEU A 665 -3.90 -19.37 -12.66
CA LEU A 665 -5.21 -19.62 -12.07
C LEU A 665 -5.32 -21.08 -11.66
N ALA A 666 -5.78 -21.30 -10.43
CA ALA A 666 -6.25 -22.63 -10.02
C ALA A 666 -7.72 -22.72 -10.40
N ALA A 667 -8.03 -23.58 -11.38
CA ALA A 667 -9.39 -23.70 -11.88
C ALA A 667 -10.32 -24.34 -10.85
N SER A 668 -11.63 -24.24 -11.13
CA SER A 668 -12.66 -24.85 -10.29
C SER A 668 -12.27 -26.25 -9.85
N GLU A 669 -12.32 -26.49 -8.53
CA GLU A 669 -11.92 -27.80 -8.02
C GLU A 669 -12.98 -28.85 -8.31
N ALA A 670 -14.26 -28.48 -8.21
CA ALA A 670 -15.33 -29.44 -8.50
C ALA A 670 -15.45 -29.75 -9.99
N PHE A 671 -15.18 -28.77 -10.85
CA PHE A 671 -15.53 -28.85 -12.28
C PHE A 671 -14.39 -28.32 -13.13
N PRO A 672 -13.29 -29.08 -13.22
CA PRO A 672 -12.10 -28.55 -13.90
C PRO A 672 -12.11 -28.62 -15.42
N LEU A 673 -13.05 -29.34 -16.04
CA LEU A 673 -12.83 -29.71 -17.44
C LEU A 673 -13.18 -28.60 -18.42
N ALA A 674 -13.93 -27.57 -17.99
CA ALA A 674 -14.12 -26.42 -18.87
C ALA A 674 -12.82 -25.63 -19.00
N ALA A 675 -12.11 -25.43 -17.89
CA ALA A 675 -10.85 -24.70 -17.95
C ALA A 675 -9.83 -25.45 -18.80
N THR A 676 -9.82 -26.78 -18.70
CA THR A 676 -8.87 -27.55 -19.51
C THR A 676 -9.25 -27.50 -20.97
N ASP A 677 -10.55 -27.49 -21.30
CA ASP A 677 -10.94 -27.26 -22.70
C ASP A 677 -10.52 -25.89 -23.19
N PHE A 678 -10.34 -24.92 -22.28
CA PHE A 678 -9.98 -23.55 -22.64
C PHE A 678 -8.52 -23.43 -23.09
N TYR A 679 -7.68 -24.42 -22.76
CA TYR A 679 -6.29 -24.42 -23.18
C TYR A 679 -6.16 -24.13 -24.67
N GLN A 680 -6.90 -24.88 -25.50
CA GLN A 680 -6.87 -24.68 -26.96
C GLN A 680 -7.30 -23.28 -27.34
N VAL A 681 -8.23 -22.69 -26.59
CA VAL A 681 -8.65 -21.31 -26.87
C VAL A 681 -7.47 -20.35 -26.70
N LEU A 682 -6.66 -20.57 -25.66
CA LEU A 682 -5.51 -19.71 -25.43
C LEU A 682 -4.48 -19.89 -26.53
N ASP A 683 -4.25 -21.14 -26.94
CA ASP A 683 -3.23 -21.41 -27.96
C ASP A 683 -3.65 -20.83 -29.31
N THR A 684 -4.90 -21.03 -29.72
CA THR A 684 -5.40 -20.49 -30.97
C THR A 684 -5.45 -18.97 -30.97
N SER A 685 -5.48 -18.32 -29.80
CA SER A 685 -5.53 -16.87 -29.72
C SER A 685 -4.16 -16.23 -29.57
N ASP A 686 -3.09 -17.03 -29.53
CA ASP A 686 -1.72 -16.53 -29.49
C ASP A 686 -1.41 -15.74 -28.21
N VAL A 687 -2.06 -16.10 -27.11
CA VAL A 687 -1.65 -15.65 -25.78
C VAL A 687 -0.18 -15.99 -25.59
N PRO A 688 0.72 -15.00 -25.45
CA PRO A 688 2.14 -15.32 -25.34
C PRO A 688 2.42 -16.21 -24.13
N ALA A 689 3.39 -17.10 -24.30
CA ALA A 689 3.73 -18.09 -23.28
C ALA A 689 3.97 -17.44 -21.92
N GLY A 690 3.34 -17.98 -20.90
CA GLY A 690 3.53 -17.50 -19.55
C GLY A 690 2.56 -16.43 -19.11
N VAL A 691 1.81 -15.83 -20.04
CA VAL A 691 0.86 -14.80 -19.65
C VAL A 691 -0.31 -15.41 -18.89
N VAL A 692 -0.83 -16.54 -19.34
CA VAL A 692 -1.91 -17.23 -18.64
C VAL A 692 -1.44 -18.65 -18.37
N ASN A 693 -1.38 -19.04 -17.10
CA ASN A 693 -1.07 -20.40 -16.72
C ASN A 693 -2.23 -20.95 -15.90
N ILE A 694 -2.53 -22.24 -16.06
CA ILE A 694 -3.71 -22.83 -15.45
C ILE A 694 -3.33 -24.12 -14.71
N LEU A 695 -3.69 -24.18 -13.44
CA LEU A 695 -3.48 -25.35 -12.61
C LEU A 695 -4.83 -25.94 -12.24
N THR A 696 -4.91 -27.27 -12.21
CA THR A 696 -6.11 -27.95 -11.72
C THR A 696 -5.74 -28.75 -10.48
N GLY A 697 -6.76 -29.22 -9.75
CA GLY A 697 -6.52 -29.99 -8.56
C GLY A 697 -7.10 -29.41 -7.27
N ALA A 698 -6.62 -29.91 -6.13
CA ALA A 698 -7.22 -29.59 -4.84
C ALA A 698 -6.68 -28.26 -4.33
N HIS A 699 -7.58 -27.32 -4.06
CA HIS A 699 -7.15 -26.02 -3.55
C HIS A 699 -6.56 -26.13 -2.15
N ALA A 700 -6.88 -27.18 -1.38
CA ALA A 700 -6.15 -27.40 -0.14
C ALA A 700 -4.65 -27.55 -0.39
N ASP A 701 -4.26 -28.05 -1.55
CA ASP A 701 -2.84 -28.23 -1.83
C ASP A 701 -2.18 -26.95 -2.31
N LEU A 702 -2.93 -25.99 -2.85
CA LEU A 702 -2.33 -24.86 -3.53
C LEU A 702 -2.50 -23.52 -2.82
N ALA A 703 -3.51 -23.37 -1.96
CA ALA A 703 -3.82 -22.07 -1.39
C ALA A 703 -2.63 -21.49 -0.63
N GLU A 704 -2.08 -22.23 0.32
CA GLU A 704 -0.93 -21.72 1.06
C GLU A 704 0.27 -21.49 0.16
N PRO A 705 0.68 -22.43 -0.71
CA PRO A 705 1.81 -22.14 -1.60
C PRO A 705 1.64 -20.87 -2.45
N MET A 706 0.44 -20.62 -2.99
CA MET A 706 0.26 -19.41 -3.80
C MET A 706 0.28 -18.14 -2.95
N ALA A 707 -0.29 -18.19 -1.75
CA ALA A 707 -0.25 -16.99 -0.92
C ALA A 707 1.15 -16.78 -0.35
N ARG A 708 1.92 -17.85 -0.19
CA ARG A 708 3.24 -17.72 0.42
C ARG A 708 4.26 -17.20 -0.57
N HIS A 709 4.16 -17.62 -1.84
CA HIS A 709 5.25 -17.51 -2.80
C HIS A 709 5.85 -16.11 -2.85
N LEU A 710 7.17 -16.05 -2.65
CA LEU A 710 7.91 -14.81 -2.51
C LEU A 710 8.11 -14.07 -3.82
N ASP A 711 7.82 -14.71 -4.96
CA ASP A 711 7.97 -14.09 -6.27
C ASP A 711 6.63 -13.81 -6.94
N LEU A 712 5.54 -13.83 -6.17
CA LEU A 712 4.23 -13.37 -6.62
C LEU A 712 3.93 -12.02 -5.96
N ASP A 713 3.29 -11.13 -6.73
CA ASP A 713 2.96 -9.79 -6.26
C ASP A 713 1.56 -9.69 -5.68
N ALA A 714 0.69 -10.66 -5.94
CA ALA A 714 -0.66 -10.60 -5.41
C ALA A 714 -1.22 -12.01 -5.43
N VAL A 715 -2.12 -12.30 -4.49
CA VAL A 715 -2.88 -13.55 -4.49
C VAL A 715 -4.35 -13.20 -4.37
N TRP A 716 -5.17 -13.81 -5.22
CA TRP A 716 -6.62 -13.66 -5.15
C TRP A 716 -7.20 -15.03 -4.82
N GLY A 717 -7.75 -15.17 -3.62
CA GLY A 717 -8.35 -16.43 -3.23
C GLY A 717 -9.85 -16.37 -3.17
N LEU A 718 -10.53 -16.79 -4.23
CA LEU A 718 -11.98 -16.66 -4.28
C LEU A 718 -12.69 -17.98 -4.00
N SER A 719 -12.00 -18.96 -3.43
CA SER A 719 -12.58 -20.26 -3.11
C SER A 719 -12.48 -20.60 -1.62
N GLY A 720 -12.26 -19.61 -0.76
CA GLY A 720 -12.10 -19.84 0.66
C GLY A 720 -10.64 -19.77 1.07
N HIS A 721 -10.36 -20.38 2.22
CA HIS A 721 -9.01 -20.37 2.83
C HIS A 721 -8.54 -18.95 3.14
N ALA A 722 -9.47 -18.02 3.40
CA ALA A 722 -9.09 -16.62 3.58
C ALA A 722 -8.05 -16.43 4.68
N GLN A 723 -8.25 -17.05 5.85
CA GLN A 723 -7.29 -16.90 6.94
C GLN A 723 -5.89 -17.37 6.55
N VAL A 724 -5.80 -18.59 6.02
CA VAL A 724 -4.51 -19.14 5.61
C VAL A 724 -3.86 -18.27 4.53
N ILE A 725 -4.65 -17.79 3.58
CA ILE A 725 -4.10 -17.00 2.47
C ILE A 725 -3.60 -15.66 2.98
N GLU A 726 -4.42 -14.98 3.79
CA GLU A 726 -4.04 -13.66 4.26
C GLU A 726 -2.84 -13.73 5.19
N ALA A 727 -2.79 -14.72 6.08
CA ALA A 727 -1.61 -14.94 6.93
C ALA A 727 -0.36 -15.18 6.09
N ALA A 728 -0.45 -16.09 5.10
CA ALA A 728 0.75 -16.45 4.36
C ALA A 728 1.22 -15.29 3.47
N SER A 729 0.31 -14.42 3.05
CA SER A 729 0.70 -13.25 2.26
C SER A 729 1.68 -12.35 2.99
N ALA A 730 1.82 -12.49 4.33
CA ALA A 730 2.69 -11.57 5.05
C ALA A 730 4.16 -11.80 4.74
N GLY A 731 4.50 -12.98 4.19
CA GLY A 731 5.89 -13.29 3.91
C GLY A 731 6.57 -12.21 3.10
N ASN A 732 5.95 -11.80 2.00
CA ASN A 732 6.50 -10.72 1.19
C ASN A 732 5.57 -9.52 1.12
N LEU A 733 4.49 -9.54 1.92
CA LEU A 733 3.53 -8.43 2.01
C LEU A 733 2.88 -8.14 0.65
N LYS A 734 2.64 -9.21 -0.11
CA LYS A 734 1.88 -9.10 -1.34
C LYS A 734 0.47 -8.62 -1.06
N ARG A 735 -0.13 -7.98 -2.06
CA ARG A 735 -1.55 -7.65 -1.99
C ARG A 735 -2.37 -8.94 -2.00
N SER A 736 -3.52 -8.89 -1.36
CA SER A 736 -4.42 -10.04 -1.37
C SER A 736 -5.85 -9.55 -1.54
N TRP A 737 -6.66 -10.41 -2.12
CA TRP A 737 -8.11 -10.21 -2.20
C TRP A 737 -8.73 -11.58 -1.97
N THR A 738 -9.62 -11.68 -0.99
CA THR A 738 -10.30 -12.95 -0.70
C THR A 738 -11.81 -12.82 -0.90
N GLY A 739 -12.25 -11.88 -1.73
CA GLY A 739 -13.65 -11.76 -2.04
C GLY A 739 -14.34 -10.69 -1.22
N PRO A 740 -15.67 -10.62 -1.31
CA PRO A 740 -16.52 -11.59 -2.03
C PRO A 740 -16.43 -11.50 -3.55
N PHE A 741 -16.69 -12.63 -4.21
CA PHE A 741 -16.69 -12.71 -5.67
C PHE A 741 -17.84 -13.59 -6.12
N ASP A 742 -18.77 -13.00 -6.86
CA ASP A 742 -19.93 -13.71 -7.39
C ASP A 742 -19.77 -13.72 -8.90
N PRO A 743 -19.45 -14.87 -9.51
CA PRO A 743 -19.25 -14.92 -10.97
C PRO A 743 -20.42 -14.37 -11.78
N ALA A 744 -21.65 -14.58 -11.32
CA ALA A 744 -22.82 -14.10 -12.04
C ALA A 744 -22.92 -12.58 -12.05
N HIS A 745 -22.14 -11.89 -11.21
CA HIS A 745 -22.08 -10.44 -11.14
C HIS A 745 -20.88 -9.96 -11.94
N ASP A 746 -21.07 -8.87 -12.68
CA ASP A 746 -19.98 -8.29 -13.46
C ASP A 746 -19.12 -7.41 -12.55
N HIS A 747 -18.04 -7.99 -12.03
CA HIS A 747 -17.09 -7.27 -11.19
C HIS A 747 -15.99 -6.55 -11.98
N THR A 748 -16.09 -6.50 -13.32
CA THR A 748 -14.93 -6.11 -14.15
C THR A 748 -14.26 -4.83 -13.63
N ARG A 749 -15.04 -3.77 -13.49
CA ARG A 749 -14.48 -2.48 -13.08
C ARG A 749 -13.71 -2.57 -11.77
N ASP A 750 -14.28 -3.26 -10.77
CA ASP A 750 -13.58 -3.40 -9.49
C ASP A 750 -12.35 -4.28 -9.63
N ILE A 751 -12.42 -5.33 -10.46
CA ILE A 751 -11.24 -6.17 -10.63
C ILE A 751 -10.09 -5.37 -11.24
N LEU A 752 -10.38 -4.41 -12.13
CA LEU A 752 -9.33 -3.56 -12.69
C LEU A 752 -8.56 -2.85 -11.59
N SER A 753 -9.26 -2.47 -10.51
CA SER A 753 -8.59 -1.89 -9.36
C SER A 753 -7.72 -2.90 -8.63
N HIS A 754 -8.21 -4.14 -8.46
CA HIS A 754 -7.37 -5.18 -7.85
C HIS A 754 -6.15 -5.49 -8.71
N ALA A 755 -6.28 -5.31 -10.02
CA ALA A 755 -5.24 -5.71 -10.96
C ALA A 755 -4.25 -4.60 -11.29
N THR A 756 -4.32 -3.45 -10.62
CA THR A 756 -3.40 -2.36 -10.93
C THR A 756 -2.86 -1.72 -9.66
N GLU A 757 -1.71 -1.09 -9.82
CA GLU A 757 -1.09 -0.28 -8.77
C GLU A 757 -1.06 1.17 -9.24
N VAL A 758 -1.12 2.10 -8.29
CA VAL A 758 -0.99 3.52 -8.64
C VAL A 758 0.45 3.96 -8.36
N LYS A 759 1.10 4.50 -9.39
CA LYS A 759 2.39 5.18 -9.23
C LYS A 759 2.21 6.65 -9.58
N THR A 760 2.63 7.53 -8.68
CA THR A 760 2.44 8.96 -8.88
C THR A 760 3.76 9.62 -9.25
N ILE A 761 3.82 10.18 -10.45
CA ILE A 761 5.02 10.79 -11.01
C ILE A 761 4.83 12.30 -10.96
N TRP A 762 5.64 12.99 -10.17
CA TRP A 762 5.58 14.46 -10.12
C TRP A 762 6.53 15.06 -11.16
N VAL A 763 5.97 15.81 -12.10
CA VAL A 763 6.77 16.36 -13.21
C VAL A 763 6.58 17.88 -13.26
N PRO A 764 7.58 18.63 -13.74
CA PRO A 764 7.37 20.05 -14.05
C PRO A 764 6.17 20.24 -14.97
N TYR A 765 5.52 21.40 -14.86
CA TYR A 765 4.41 21.74 -15.73
C TYR A 765 3.96 23.17 -15.47
N GLY A 766 3.91 23.99 -16.52
CA GLY A 766 3.43 25.36 -16.38
C GLY A 766 4.25 26.19 -15.41
#